data_7R8I
#
_entry.id   7R8I
#
_cell.length_a   200.019
_cell.length_b   200.019
_cell.length_c   200.019
_cell.angle_alpha   90.000
_cell.angle_beta   90.000
_cell.angle_gamma   90.000
#
_symmetry.space_group_name_H-M   'I 2 3'
#
loop_
_entity.id
_entity.type
_entity.pdbx_description
1 polymer Argonaute
2 polymer "DNA (5'-D(*TP*TP*AP*CP*TP*GP*CP*AP*CP*AP*GP*GP*TP*GP*AP*CP*GP*A)"
3 non-polymer 'MAGNESIUM ION'
4 water water
#
loop_
_entity_poly.entity_id
_entity_poly.type
_entity_poly.pdbx_seq_one_letter_code
_entity_poly.pdbx_strand_id
1 'polypeptide(L)'
;MTLETTLFPLEGLEGLTASYQLYAVKGLSGLDETEYHKNVNLLVRRLSFSMKAPFVALSRDGEQFIAVPNYVTEFPVDHR
VVRAMVKLVPTGEPLNLRFDAADDEYDGLRLRYLDFVLQQPLFANHHLWQPGSGQPFFHKKPLKRLDDVDLYDGVSVRAA
KHPEGGFGIVCDARSKFITHTPIGARADRKRLGKLINRSCLYKMGDHWYQFRIDAVSDWKVGEPSLFEGNVPISLAQQLV
RTAGNAAPKSIIDLDPEGGALEYFTSTNERRMAPAELCFLIEDTHGRRAAKLQRQTILSPSERRARVNGFIRRYLSELNI
GGAKLSAGARAHAFFTETHMPPALSFGNGTVLAPDTSKDRFQAMQEYSSMRRTMMLDKKVGFFHQDVFPPQTLLLPESVK
KSWGPAFASDFVGTVQELYPAGGYRPEIIEYRDKAYGGGVPGQMKALLEVAERGEIKSGDVLVMLHRINGAPRAQDKLAA
MVCNEFEKRFGKRVQVIHSDSPGRGYKRIFKNDKPTYVQQRGRGVNIKGYLKGAALNKVCLGNSRWPFVLRDPLNADVTI
GIDVKNNMAVFTMVAEGGRIVRVQRSRSRQREQLLESQVTQVITEMLSKELPEIKKQVQRVVIHRDGRAWPAEIAGARKT
FADMAESGLIAVDADVSVFEVLKSSPAPLRLFSFEEPTQENPKGVINPVLGSWLKLSENDGYICTTGAPLLLQGTADPLH
VRKAFGPMAIEDALKDVFDLSCLTWPKPDSCMRLPLTIKLCDIALFDDAAEYDVDVVRFADGNTGEASA
;
A
2 'polydeoxyribonucleotide' (DT)(DT)(DA)(DC)(DT)(DG)(DC)(DA)(DC)(DA)(DG)(DG)(DT)(DG)(DA)(DC)(DG)(DA) T
#
loop_
_chem_comp.id
_chem_comp.type
_chem_comp.name
_chem_comp.formula
DA DNA linking 2'-DEOXYADENOSINE-5'-MONOPHOSPHATE 'C10 H14 N5 O6 P'
DC DNA linking 2'-DEOXYCYTIDINE-5'-MONOPHOSPHATE 'C9 H14 N3 O7 P'
DG DNA linking 2'-DEOXYGUANOSINE-5'-MONOPHOSPHATE 'C10 H14 N5 O7 P'
DT DNA linking THYMIDINE-5'-MONOPHOSPHATE 'C10 H15 N2 O8 P'
MG non-polymer 'MAGNESIUM ION' 'Mg 2'
#
# COMPACT_ATOMS: atom_id res chain seq x y z
N MET A 1 23.23 -16.71 -3.03
CA MET A 1 23.90 -15.44 -2.76
C MET A 1 24.01 -14.57 -4.02
N THR A 2 23.68 -15.16 -5.17
CA THR A 2 23.77 -14.51 -6.47
C THR A 2 22.41 -13.91 -6.82
N LEU A 3 22.32 -12.58 -6.90
CA LEU A 3 21.04 -11.91 -7.10
C LEU A 3 21.07 -10.96 -8.30
N GLU A 4 20.02 -11.01 -9.12
CA GLU A 4 19.82 -10.05 -10.19
C GLU A 4 18.63 -9.13 -9.86
N THR A 5 18.78 -7.84 -10.14
CA THR A 5 17.76 -6.81 -9.93
C THR A 5 16.97 -6.53 -11.22
N THR A 6 15.98 -5.64 -11.12
CA THR A 6 15.39 -5.01 -12.29
C THR A 6 15.84 -3.55 -12.43
N LEU A 7 17.08 -3.26 -12.01
CA LEU A 7 17.74 -1.98 -12.25
C LEU A 7 18.62 -2.08 -13.50
N PHE A 8 18.33 -1.24 -14.53
CA PHE A 8 19.15 -1.28 -15.74
C PHE A 8 19.99 -0.01 -15.88
N PRO A 9 21.25 -0.12 -16.31
CA PRO A 9 22.08 1.07 -16.45
C PRO A 9 21.63 1.93 -17.61
N LEU A 10 21.94 3.22 -17.51
CA LEU A 10 21.61 4.20 -18.52
C LEU A 10 22.90 4.68 -19.18
N GLU A 11 22.96 4.65 -20.52
CA GLU A 11 24.12 5.11 -21.27
C GLU A 11 23.84 6.40 -22.02
N GLY A 12 24.90 7.06 -22.45
CA GLY A 12 24.72 8.37 -23.05
C GLY A 12 24.18 9.43 -22.12
N LEU A 13 24.20 9.18 -20.80
CA LEU A 13 23.74 10.19 -19.85
C LEU A 13 24.59 11.44 -19.90
N GLU A 14 25.83 11.33 -20.37
CA GLU A 14 26.63 12.51 -20.60
C GLU A 14 26.02 13.35 -21.71
N GLY A 15 26.33 14.65 -21.71
CA GLY A 15 25.71 15.55 -22.63
C GLY A 15 24.25 15.82 -22.38
N LEU A 16 23.55 14.93 -21.67
CA LEU A 16 22.22 15.24 -21.16
C LEU A 16 22.37 16.20 -19.99
N THR A 17 21.68 17.33 -20.06
CA THR A 17 21.79 18.36 -19.05
C THR A 17 20.40 18.88 -18.74
N ALA A 18 20.20 19.25 -17.48
CA ALA A 18 18.90 19.67 -16.96
C ALA A 18 19.10 21.02 -16.30
N SER A 19 18.57 22.08 -16.92
CA SER A 19 18.74 23.42 -16.39
C SER A 19 17.47 23.85 -15.68
N TYR A 20 17.62 24.32 -14.44
CA TYR A 20 16.54 24.84 -13.61
C TYR A 20 16.88 26.24 -13.13
N GLN A 21 15.88 26.94 -12.60
CA GLN A 21 16.07 28.26 -12.02
C GLN A 21 15.32 28.29 -10.70
N LEU A 22 16.05 28.39 -9.60
CA LEU A 22 15.44 28.44 -8.28
C LEU A 22 14.68 29.75 -8.10
N TYR A 23 13.43 29.63 -7.69
CA TYR A 23 12.63 30.71 -7.16
C TYR A 23 12.39 30.45 -5.67
N ALA A 24 11.94 31.49 -4.97
CA ALA A 24 11.55 31.37 -3.57
C ALA A 24 10.17 31.98 -3.40
N VAL A 25 9.33 31.34 -2.59
CA VAL A 25 7.91 31.68 -2.53
C VAL A 25 7.68 32.65 -1.38
N LYS A 26 7.28 33.88 -1.71
CA LYS A 26 7.00 34.87 -0.67
C LYS A 26 5.86 34.40 0.23
N GLY A 27 4.84 33.78 -0.36
CA GLY A 27 3.84 33.04 0.40
C GLY A 27 3.16 33.87 1.47
N LEU A 28 3.02 33.28 2.64
CA LEU A 28 2.61 34.01 3.82
C LEU A 28 3.68 33.85 4.90
N SER A 29 4.00 34.96 5.57
CA SER A 29 4.89 34.90 6.72
C SER A 29 4.38 33.88 7.73
N GLY A 30 3.06 33.84 7.92
CA GLY A 30 2.46 32.85 8.77
C GLY A 30 2.55 31.47 8.15
N LEU A 31 3.20 30.54 8.83
CA LEU A 31 3.34 29.16 8.40
C LEU A 31 2.47 28.29 9.30
N ASP A 32 1.36 27.80 8.79
CA ASP A 32 0.72 26.72 9.52
C ASP A 32 1.52 25.42 9.40
N GLU A 33 2.74 25.49 8.88
CA GLU A 33 3.59 24.33 8.69
C GLU A 33 2.88 23.30 7.81
N THR A 34 1.85 22.64 8.36
CA THR A 34 1.10 21.66 7.59
C THR A 34 0.40 22.30 6.40
N GLU A 35 -0.16 23.51 6.58
CA GLU A 35 -0.75 24.22 5.45
C GLU A 35 0.31 24.84 4.56
N TYR A 36 1.48 25.17 5.13
CA TYR A 36 2.53 25.77 4.32
C TYR A 36 3.04 24.82 3.24
N HIS A 37 3.32 23.57 3.62
CA HIS A 37 3.82 22.62 2.64
C HIS A 37 2.73 22.09 1.72
N LYS A 38 1.46 22.15 2.12
CA LYS A 38 0.38 21.81 1.19
C LYS A 38 0.33 22.81 0.05
N ASN A 39 0.42 24.11 0.37
CA ASN A 39 0.29 25.12 -0.67
C ASN A 39 1.48 25.09 -1.62
N VAL A 40 2.70 24.88 -1.10
CA VAL A 40 3.88 24.76 -1.96
C VAL A 40 3.67 23.66 -3.00
N ASN A 41 3.36 22.45 -2.53
CA ASN A 41 3.23 21.32 -3.43
C ASN A 41 1.96 21.39 -4.27
N LEU A 42 0.95 22.16 -3.82
CA LEU A 42 -0.19 22.46 -4.67
C LEU A 42 0.25 23.27 -5.88
N LEU A 43 1.05 24.32 -5.63
CA LEU A 43 1.50 25.18 -6.71
C LEU A 43 2.43 24.44 -7.65
N VAL A 44 3.40 23.71 -7.09
CA VAL A 44 4.27 22.85 -7.90
C VAL A 44 3.42 21.95 -8.79
N ARG A 45 2.30 21.46 -8.27
CA ARG A 45 1.45 20.57 -9.06
C ARG A 45 0.69 21.35 -10.12
N ARG A 46 0.04 22.44 -9.71
CA ARG A 46 -0.68 23.29 -10.66
C ARG A 46 0.23 23.72 -11.82
N LEU A 47 1.44 24.19 -11.49
CA LEU A 47 2.35 24.68 -12.52
C LEU A 47 2.77 23.59 -13.48
N SER A 48 2.96 22.37 -12.99
CA SER A 48 3.43 21.29 -13.83
C SER A 48 2.40 20.93 -14.89
N PHE A 49 1.13 20.92 -14.52
CA PHE A 49 0.10 20.52 -15.47
C PHE A 49 -0.18 21.61 -16.50
N SER A 50 -0.15 22.88 -16.07
CA SER A 50 -0.55 23.97 -16.96
C SER A 50 0.51 24.29 -18.00
N MET A 51 1.80 24.24 -17.62
CA MET A 51 2.89 24.55 -18.55
C MET A 51 3.63 23.32 -19.07
N LYS A 52 3.30 22.12 -18.58
CA LYS A 52 3.83 20.83 -19.06
C LYS A 52 5.36 20.81 -19.07
N ALA A 53 5.92 21.00 -17.88
CA ALA A 53 7.36 20.98 -17.64
C ALA A 53 7.63 20.40 -16.24
N PRO A 54 8.79 19.79 -16.03
CA PRO A 54 9.07 19.10 -14.74
C PRO A 54 9.40 20.04 -13.58
N PHE A 55 8.38 20.72 -13.07
CA PHE A 55 8.53 21.53 -11.87
C PHE A 55 8.80 20.65 -10.66
N VAL A 56 9.66 21.13 -9.76
CA VAL A 56 10.04 20.40 -8.54
C VAL A 56 10.18 21.39 -7.40
N ALA A 57 10.12 20.86 -6.18
CA ALA A 57 10.36 21.63 -4.96
C ALA A 57 11.61 21.11 -4.26
N LEU A 58 12.42 22.04 -3.73
CA LEU A 58 13.68 21.72 -3.06
C LEU A 58 13.59 22.23 -1.63
N SER A 59 13.27 21.34 -0.69
CA SER A 59 13.01 21.73 0.69
C SER A 59 14.30 21.66 1.49
N ARG A 60 15.08 22.74 1.45
CA ARG A 60 16.24 22.93 2.29
C ARG A 60 16.21 24.32 2.90
N ASP A 61 16.73 24.44 4.13
CA ASP A 61 16.61 25.66 4.92
C ASP A 61 15.14 26.08 5.05
N GLY A 62 14.76 27.14 4.33
CA GLY A 62 13.39 27.62 4.34
C GLY A 62 12.36 26.69 3.73
N GLU A 63 12.79 25.60 3.11
CA GLU A 63 11.94 24.54 2.58
C GLU A 63 11.03 25.00 1.44
N GLN A 64 11.18 26.24 0.99
CA GLN A 64 10.41 26.74 -0.14
C GLN A 64 11.09 26.31 -1.43
N PHE A 65 11.51 27.29 -2.22
CA PHE A 65 12.32 27.06 -3.40
C PHE A 65 11.61 26.18 -4.43
N ILE A 66 10.89 26.81 -5.36
CA ILE A 66 10.28 26.11 -6.49
C ILE A 66 11.24 26.18 -7.68
N ALA A 67 11.58 25.01 -8.22
CA ALA A 67 12.53 24.93 -9.32
C ALA A 67 11.78 25.00 -10.64
N VAL A 68 12.06 26.05 -11.42
CA VAL A 68 11.41 26.27 -12.70
C VAL A 68 12.38 25.85 -13.80
N PRO A 69 11.99 24.96 -14.70
CA PRO A 69 12.82 24.70 -15.88
C PRO A 69 13.14 26.00 -16.60
N ASN A 70 14.42 26.18 -16.94
CA ASN A 70 14.87 27.40 -17.60
C ASN A 70 14.24 27.58 -18.98
N TYR A 71 13.76 26.51 -19.61
CA TYR A 71 13.31 26.62 -20.98
C TYR A 71 11.90 27.19 -21.12
N VAL A 72 11.14 27.32 -20.03
CA VAL A 72 9.82 27.93 -20.14
C VAL A 72 9.98 29.45 -20.32
N THR A 73 9.16 30.00 -21.21
CA THR A 73 9.30 31.41 -21.58
C THR A 73 8.69 32.33 -20.53
N GLU A 74 7.47 32.78 -20.78
CA GLU A 74 6.79 33.70 -19.87
C GLU A 74 6.34 32.94 -18.62
N PHE A 75 6.67 33.48 -17.45
CA PHE A 75 6.40 32.82 -16.19
C PHE A 75 5.75 33.80 -15.22
N PRO A 76 4.56 33.50 -14.71
CA PRO A 76 3.77 34.52 -13.99
C PRO A 76 4.44 35.11 -12.74
N VAL A 77 5.32 34.37 -12.06
CA VAL A 77 6.06 34.86 -10.90
C VAL A 77 5.15 35.14 -9.70
N ASP A 78 3.92 35.58 -9.97
CA ASP A 78 2.89 35.75 -8.96
C ASP A 78 1.72 34.82 -9.30
N HIS A 79 1.13 34.18 -8.29
CA HIS A 79 0.09 33.19 -8.55
C HIS A 79 -1.06 33.32 -7.57
N ARG A 80 -2.27 33.38 -8.13
CA ARG A 80 -3.49 33.62 -7.37
C ARG A 80 -3.87 32.40 -6.56
N VAL A 81 -5.14 32.33 -6.13
CA VAL A 81 -5.68 31.25 -5.31
C VAL A 81 -4.73 31.01 -4.13
N VAL A 82 -4.69 29.77 -3.65
CA VAL A 82 -3.71 29.37 -2.63
C VAL A 82 -3.89 30.21 -1.38
N ARG A 83 -5.15 30.47 -0.99
CA ARG A 83 -5.49 31.32 0.16
C ARG A 83 -4.96 32.74 -0.04
N ALA A 84 -3.98 33.14 0.77
CA ALA A 84 -3.23 34.36 0.49
C ALA A 84 -2.38 34.18 -0.77
N MET A 85 -2.21 35.26 -1.53
CA MET A 85 -1.53 35.18 -2.81
C MET A 85 -0.01 35.06 -2.63
N VAL A 86 0.61 34.26 -3.50
CA VAL A 86 2.03 33.94 -3.42
C VAL A 86 2.79 34.64 -4.55
N LYS A 87 4.05 34.97 -4.28
CA LYS A 87 4.95 35.52 -5.28
C LYS A 87 6.28 34.79 -5.23
N LEU A 88 6.89 34.59 -6.40
CA LEU A 88 8.16 33.86 -6.54
C LEU A 88 9.24 34.82 -7.03
N VAL A 89 10.23 35.07 -6.17
CA VAL A 89 11.39 35.89 -6.53
C VAL A 89 12.52 34.94 -6.90
N PRO A 90 13.06 35.01 -8.12
CA PRO A 90 14.10 34.04 -8.52
C PRO A 90 15.35 34.22 -7.66
N THR A 91 15.96 33.09 -7.26
CA THR A 91 17.18 33.12 -6.46
C THR A 91 18.44 33.24 -7.32
N GLY A 92 18.32 33.78 -8.54
CA GLY A 92 19.42 33.95 -9.46
C GLY A 92 20.05 32.61 -9.81
N GLU A 93 21.34 32.66 -10.15
CA GLU A 93 22.24 31.53 -10.33
C GLU A 93 21.52 30.32 -10.95
N PRO A 94 21.23 30.37 -12.25
CA PRO A 94 20.53 29.24 -12.89
C PRO A 94 21.40 27.99 -12.92
N LEU A 95 20.79 26.84 -12.58
CA LEU A 95 21.52 25.61 -12.35
C LEU A 95 21.45 24.68 -13.56
N ASN A 96 22.62 24.26 -14.05
CA ASN A 96 22.74 23.29 -15.14
C ASN A 96 23.30 22.00 -14.54
N LEU A 97 22.41 21.02 -14.34
CA LEU A 97 22.73 19.82 -13.56
C LEU A 97 23.28 18.71 -14.45
N ARG A 98 24.37 18.09 -13.99
CA ARG A 98 25.02 16.98 -14.67
C ARG A 98 24.68 15.67 -13.96
N PHE A 99 24.82 14.57 -14.69
CA PHE A 99 24.51 13.24 -14.19
C PHE A 99 25.75 12.40 -13.91
N ASP A 100 26.94 12.94 -14.18
CA ASP A 100 28.21 12.31 -13.88
C ASP A 100 28.79 12.76 -12.54
N ALA A 101 28.00 13.44 -11.72
CA ALA A 101 28.49 14.11 -10.52
C ALA A 101 28.30 13.24 -9.29
N ALA A 102 28.88 13.68 -8.18
CA ALA A 102 28.73 12.99 -6.91
C ALA A 102 27.38 13.35 -6.31
N ASP A 103 27.07 12.75 -5.16
CA ASP A 103 25.75 12.91 -4.56
C ASP A 103 25.55 14.33 -4.03
N ASP A 104 24.49 15.01 -4.50
CA ASP A 104 24.14 16.36 -4.08
C ASP A 104 22.77 16.38 -3.41
N GLU A 105 22.44 17.57 -2.90
CA GLU A 105 21.07 17.89 -2.49
C GLU A 105 20.17 18.20 -3.67
N TYR A 106 20.72 18.27 -4.89
CA TYR A 106 19.95 18.49 -6.11
C TYR A 106 19.65 17.19 -6.84
N ASP A 107 19.74 16.05 -6.14
CA ASP A 107 19.51 14.78 -6.81
C ASP A 107 18.03 14.54 -7.04
N GLY A 108 17.17 14.98 -6.12
CA GLY A 108 15.74 14.97 -6.38
C GLY A 108 15.38 15.78 -7.62
N LEU A 109 16.11 16.87 -7.85
CA LEU A 109 15.90 17.68 -9.05
C LEU A 109 16.28 16.92 -10.31
N ARG A 110 17.41 16.21 -10.27
CA ARG A 110 17.84 15.44 -11.43
C ARG A 110 16.86 14.31 -11.73
N LEU A 111 16.37 13.64 -10.68
CA LEU A 111 15.49 12.50 -10.88
C LEU A 111 14.17 12.92 -11.52
N ARG A 112 13.66 14.11 -11.19
CA ARG A 112 12.42 14.56 -11.80
C ARG A 112 12.61 14.82 -13.29
N TYR A 113 13.69 15.50 -13.66
CA TYR A 113 13.94 15.75 -15.08
C TYR A 113 14.15 14.44 -15.85
N LEU A 114 14.96 13.55 -15.29
CA LEU A 114 15.26 12.28 -15.94
C LEU A 114 14.00 11.48 -16.20
N ASP A 115 13.12 11.36 -15.19
CA ASP A 115 11.82 10.72 -15.38
C ASP A 115 11.04 11.38 -16.51
N PHE A 116 11.00 12.71 -16.51
CA PHE A 116 10.17 13.45 -17.45
C PHE A 116 10.63 13.22 -18.89
N VAL A 117 11.92 13.40 -19.16
CA VAL A 117 12.38 13.29 -20.56
C VAL A 117 12.41 11.84 -21.04
N LEU A 118 12.55 10.87 -20.13
CA LEU A 118 12.73 9.48 -20.55
C LEU A 118 11.46 8.89 -21.16
N GLN A 119 10.28 9.39 -20.83
CA GLN A 119 9.09 8.79 -21.38
C GLN A 119 8.59 9.50 -22.63
N GLN A 120 9.39 10.38 -23.21
CA GLN A 120 8.99 11.04 -24.45
C GLN A 120 9.12 10.10 -25.64
N PRO A 121 10.24 9.39 -25.81
CA PRO A 121 10.31 8.44 -26.94
C PRO A 121 9.26 7.34 -26.84
N LEU A 122 9.00 6.85 -25.63
CA LEU A 122 8.00 5.81 -25.42
C LEU A 122 6.61 6.29 -25.76
N PHE A 123 6.28 7.50 -25.31
CA PHE A 123 4.98 8.10 -25.61
C PHE A 123 4.77 8.32 -27.10
N ALA A 124 5.85 8.42 -27.88
CA ALA A 124 5.79 8.56 -29.33
C ALA A 124 5.76 7.24 -30.08
N ASN A 125 5.96 6.11 -29.40
CA ASN A 125 5.93 4.82 -30.06
C ASN A 125 4.50 4.44 -30.39
N HIS A 126 4.24 4.25 -31.68
CA HIS A 126 2.91 3.94 -32.18
C HIS A 126 2.35 2.64 -31.64
N HIS A 127 3.17 1.75 -31.09
CA HIS A 127 2.71 0.44 -30.63
C HIS A 127 2.49 0.37 -29.13
N LEU A 128 2.74 1.45 -28.40
CA LEU A 128 2.55 1.52 -26.96
C LEU A 128 1.49 2.56 -26.66
N TRP A 129 1.05 2.58 -25.41
CA TRP A 129 0.15 3.62 -24.94
C TRP A 129 0.29 3.67 -23.43
N GLN A 130 -0.11 4.81 -22.86
CA GLN A 130 0.03 5.04 -21.44
C GLN A 130 -1.30 5.54 -20.90
N PRO A 131 -1.84 4.91 -19.83
CA PRO A 131 -3.14 5.37 -19.29
C PRO A 131 -3.14 6.84 -18.92
N GLY A 132 -2.13 7.28 -18.16
CA GLY A 132 -1.96 8.68 -17.83
C GLY A 132 -0.51 8.94 -17.50
N SER A 133 -0.21 10.20 -17.21
CA SER A 133 1.15 10.56 -16.87
C SER A 133 1.60 9.82 -15.62
N GLY A 134 2.82 9.28 -15.66
CA GLY A 134 3.41 8.59 -14.53
C GLY A 134 3.10 7.11 -14.45
N GLN A 135 2.25 6.57 -15.31
CA GLN A 135 1.80 5.20 -15.25
C GLN A 135 2.63 4.32 -16.18
N PRO A 136 2.48 3.00 -16.10
CA PRO A 136 3.23 2.12 -17.00
C PRO A 136 2.79 2.31 -18.45
N PHE A 137 3.67 1.89 -19.36
CA PHE A 137 3.38 1.84 -20.79
C PHE A 137 2.92 0.45 -21.17
N PHE A 138 1.83 0.37 -21.93
CA PHE A 138 1.27 -0.94 -22.31
C PHE A 138 1.36 -1.13 -23.81
N HIS A 139 1.52 -2.37 -24.25
CA HIS A 139 1.37 -2.65 -25.67
C HIS A 139 -0.09 -2.45 -26.11
N LYS A 140 -0.27 -1.83 -27.27
CA LYS A 140 -1.60 -1.71 -27.85
C LYS A 140 -2.22 -3.09 -28.15
N LYS A 141 -1.42 -4.06 -28.60
CA LYS A 141 -1.91 -5.42 -28.84
C LYS A 141 -2.14 -6.11 -27.49
N PRO A 142 -3.35 -6.64 -27.21
CA PRO A 142 -3.53 -7.40 -25.97
C PRO A 142 -2.60 -8.60 -25.90
N LEU A 143 -2.22 -8.96 -24.67
CA LEU A 143 -1.45 -10.18 -24.50
C LEU A 143 -2.33 -11.42 -24.69
N LYS A 144 -3.54 -11.40 -24.16
CA LYS A 144 -4.37 -12.59 -24.00
C LYS A 144 -5.83 -12.19 -24.13
N ARG A 145 -6.65 -13.16 -24.52
CA ARG A 145 -8.03 -12.89 -24.94
C ARG A 145 -9.05 -12.95 -23.80
N LEU A 146 -9.15 -14.06 -23.09
CA LEU A 146 -9.92 -14.08 -21.83
C LEU A 146 -11.41 -13.73 -21.99
N ASP A 147 -12.02 -14.01 -23.14
CA ASP A 147 -13.46 -14.28 -23.19
C ASP A 147 -14.29 -13.09 -22.67
N ASP A 148 -14.32 -12.01 -23.48
CA ASP A 148 -15.04 -10.74 -23.32
C ASP A 148 -14.27 -9.64 -22.56
N VAL A 149 -13.15 -9.95 -21.92
CA VAL A 149 -12.27 -8.95 -21.34
C VAL A 149 -10.90 -9.16 -21.96
N ASP A 150 -10.15 -8.09 -22.19
CA ASP A 150 -8.79 -8.24 -22.72
C ASP A 150 -7.75 -8.01 -21.62
N LEU A 151 -6.62 -8.74 -21.72
CA LEU A 151 -5.51 -8.60 -20.79
C LEU A 151 -4.35 -7.90 -21.50
N TYR A 152 -3.95 -6.75 -20.98
CA TYR A 152 -2.85 -5.96 -21.52
C TYR A 152 -1.65 -6.08 -20.60
N ASP A 153 -0.45 -6.20 -21.18
CA ASP A 153 0.78 -6.24 -20.39
C ASP A 153 1.56 -4.95 -20.59
N GLY A 154 2.11 -4.43 -19.49
CA GLY A 154 2.84 -3.17 -19.54
C GLY A 154 4.06 -3.25 -18.62
N VAL A 155 4.86 -2.20 -18.66
CA VAL A 155 6.06 -2.15 -17.83
C VAL A 155 6.22 -0.73 -17.30
N SER A 156 6.42 -0.61 -16.00
CA SER A 156 6.75 0.67 -15.38
C SER A 156 8.24 0.96 -15.52
N VAL A 157 8.57 2.24 -15.70
CA VAL A 157 9.96 2.68 -15.85
C VAL A 157 10.19 3.89 -14.97
N ARG A 158 11.13 3.78 -14.03
CA ARG A 158 11.35 4.85 -13.06
C ARG A 158 12.84 5.09 -12.86
N ALA A 159 13.24 6.36 -12.87
CA ALA A 159 14.63 6.72 -12.67
C ALA A 159 15.05 6.50 -11.20
N ALA A 160 16.32 6.12 -11.01
CA ALA A 160 16.84 5.83 -9.67
C ALA A 160 18.36 5.84 -9.66
N LYS A 161 18.94 6.12 -8.48
CA LYS A 161 20.38 6.09 -8.32
C LYS A 161 20.92 4.69 -8.55
N HIS A 162 22.13 4.60 -9.15
CA HIS A 162 22.75 3.29 -9.35
C HIS A 162 23.83 3.06 -8.28
N PRO A 163 23.78 1.93 -7.57
CA PRO A 163 24.67 1.77 -6.41
C PRO A 163 26.14 1.71 -6.77
N GLU A 164 26.48 1.40 -8.02
CA GLU A 164 27.87 1.50 -8.45
C GLU A 164 28.24 2.89 -8.94
N GLY A 165 27.28 3.82 -8.99
CA GLY A 165 27.56 5.18 -9.41
C GLY A 165 26.58 5.60 -10.50
N GLY A 166 26.24 6.88 -10.50
CA GLY A 166 25.42 7.41 -11.59
C GLY A 166 23.96 6.98 -11.49
N PHE A 167 23.30 6.90 -12.64
CA PHE A 167 21.85 6.75 -12.66
C PHE A 167 21.47 5.56 -13.52
N GLY A 168 20.23 5.13 -13.31
CA GLY A 168 19.70 3.95 -13.94
C GLY A 168 18.19 4.00 -13.95
N ILE A 169 17.58 2.84 -14.15
CA ILE A 169 16.16 2.71 -14.41
C ILE A 169 15.68 1.41 -13.74
N VAL A 170 14.62 1.49 -12.92
CA VAL A 170 14.05 0.31 -12.28
C VAL A 170 12.66 0.05 -12.87
N CYS A 171 12.38 -1.23 -13.16
CA CYS A 171 11.22 -1.60 -13.93
C CYS A 171 10.49 -2.78 -13.30
N ASP A 172 9.21 -2.94 -13.66
CA ASP A 172 8.39 -4.07 -13.23
C ASP A 172 7.26 -4.22 -14.24
N ALA A 173 6.81 -5.46 -14.41
CA ALA A 173 5.72 -5.78 -15.32
C ALA A 173 4.37 -5.53 -14.67
N ARG A 174 3.44 -4.94 -15.43
CA ARG A 174 2.09 -4.69 -14.95
C ARG A 174 1.04 -5.28 -15.89
N SER A 175 -0.13 -5.56 -15.32
CA SER A 175 -1.27 -6.19 -15.98
C SER A 175 -2.51 -5.30 -15.86
N LYS A 176 -3.30 -5.22 -16.93
CA LYS A 176 -4.54 -4.44 -16.93
C LYS A 176 -5.62 -5.16 -17.72
N PHE A 177 -6.86 -5.09 -17.21
CA PHE A 177 -8.02 -5.74 -17.80
C PHE A 177 -8.97 -4.68 -18.36
N ILE A 178 -9.26 -4.77 -19.64
CA ILE A 178 -10.15 -3.83 -20.34
C ILE A 178 -11.15 -4.66 -21.14
N THR A 179 -12.44 -4.32 -21.03
CA THR A 179 -13.44 -5.08 -21.76
C THR A 179 -13.25 -4.94 -23.27
N HIS A 180 -13.55 -6.03 -23.99
CA HIS A 180 -13.11 -6.19 -25.37
C HIS A 180 -13.92 -5.35 -26.35
N THR A 181 -15.21 -5.25 -26.17
CA THR A 181 -16.01 -4.43 -27.06
C THR A 181 -16.23 -3.06 -26.43
N PRO A 182 -16.41 -2.03 -27.26
CA PRO A 182 -16.61 -0.68 -26.74
C PRO A 182 -17.98 -0.53 -26.08
N ILE A 183 -18.12 0.57 -25.32
CA ILE A 183 -19.42 0.93 -24.74
C ILE A 183 -20.49 1.01 -25.83
N GLY A 184 -20.19 1.62 -26.96
CA GLY A 184 -21.01 1.50 -28.15
C GLY A 184 -21.83 2.74 -28.44
N ALA A 185 -22.10 2.98 -29.73
CA ALA A 185 -22.87 4.15 -30.12
C ALA A 185 -24.35 3.98 -29.83
N ARG A 186 -24.83 2.74 -29.78
CA ARG A 186 -26.25 2.46 -29.59
C ARG A 186 -26.67 2.40 -28.12
N ALA A 187 -25.77 2.68 -27.17
CA ALA A 187 -26.10 2.60 -25.75
C ALA A 187 -26.86 3.85 -25.33
N ASP A 188 -27.94 3.68 -24.59
CA ASP A 188 -28.89 4.77 -24.42
C ASP A 188 -28.46 5.68 -23.27
N ARG A 189 -29.24 6.75 -23.08
CA ARG A 189 -28.90 7.79 -22.11
C ARG A 189 -28.81 7.24 -20.70
N LYS A 190 -29.73 6.35 -20.33
CA LYS A 190 -29.70 5.76 -18.98
C LYS A 190 -28.48 4.87 -18.80
N ARG A 191 -28.13 4.07 -19.82
CA ARG A 191 -27.00 3.15 -19.67
C ARG A 191 -25.69 3.90 -19.48
N LEU A 192 -25.51 4.99 -20.21
CA LEU A 192 -24.30 5.80 -20.01
C LEU A 192 -24.30 6.41 -18.62
N GLY A 193 -25.49 6.78 -18.13
CA GLY A 193 -25.59 7.30 -16.77
C GLY A 193 -25.12 6.32 -15.71
N LYS A 194 -25.37 5.02 -15.91
CA LYS A 194 -24.96 3.99 -14.97
C LYS A 194 -23.45 3.75 -14.93
N LEU A 195 -22.64 4.50 -15.71
CA LEU A 195 -21.20 4.31 -15.75
C LEU A 195 -20.40 5.40 -15.03
N ILE A 196 -21.08 6.36 -14.40
CA ILE A 196 -20.36 7.44 -13.72
C ILE A 196 -19.38 6.85 -12.71
N ASN A 197 -18.15 7.36 -12.73
CA ASN A 197 -17.00 7.02 -11.89
C ASN A 197 -16.23 5.82 -12.43
N ARG A 198 -16.78 5.05 -13.36
CA ARG A 198 -16.01 4.02 -14.03
C ARG A 198 -14.96 4.67 -14.93
N SER A 199 -13.94 3.89 -15.28
CA SER A 199 -12.85 4.38 -16.09
C SER A 199 -12.76 3.60 -17.40
N CYS A 200 -12.44 4.29 -18.47
CA CYS A 200 -12.39 3.64 -19.77
C CYS A 200 -11.12 4.04 -20.49
N LEU A 201 -10.64 3.11 -21.31
CA LEU A 201 -9.64 3.39 -22.32
C LEU A 201 -10.34 4.06 -23.49
N TYR A 202 -9.81 5.20 -23.95
CA TYR A 202 -10.32 5.95 -25.10
C TYR A 202 -9.33 5.80 -26.26
N LYS A 203 -9.74 5.09 -27.31
CA LYS A 203 -8.91 4.96 -28.52
C LYS A 203 -9.23 6.14 -29.43
N MET A 204 -8.57 7.27 -29.19
CA MET A 204 -8.78 8.45 -30.03
C MET A 204 -7.83 8.34 -31.24
N GLY A 205 -8.24 7.54 -32.22
CA GLY A 205 -7.32 7.18 -33.28
C GLY A 205 -6.10 6.51 -32.68
N ASP A 206 -4.92 6.98 -33.12
CA ASP A 206 -3.63 6.48 -32.65
C ASP A 206 -3.26 6.96 -31.24
N HIS A 207 -3.98 7.90 -30.67
CA HIS A 207 -3.68 8.38 -29.31
C HIS A 207 -4.60 7.71 -28.32
N TRP A 208 -4.08 6.71 -27.61
CA TRP A 208 -4.83 6.00 -26.57
C TRP A 208 -4.48 6.55 -25.19
N TYR A 209 -5.51 6.75 -24.34
CA TYR A 209 -5.30 7.19 -22.97
C TYR A 209 -6.55 6.85 -22.15
N GLN A 210 -6.42 7.00 -20.82
CA GLN A 210 -7.45 6.59 -19.88
C GLN A 210 -8.03 7.80 -19.17
N PHE A 211 -9.34 7.78 -18.89
CA PHE A 211 -9.99 8.87 -18.15
C PHE A 211 -11.12 8.33 -17.28
N ARG A 212 -11.61 9.17 -16.37
CA ARG A 212 -12.69 8.79 -15.47
C ARG A 212 -14.00 9.43 -15.94
N ILE A 213 -15.04 8.61 -16.06
CA ILE A 213 -16.32 9.09 -16.56
C ILE A 213 -16.99 9.95 -15.49
N ASP A 214 -17.21 11.22 -15.81
CA ASP A 214 -17.78 12.17 -14.88
C ASP A 214 -19.26 12.44 -15.12
N ALA A 215 -19.69 12.55 -16.38
CA ALA A 215 -21.09 12.77 -16.68
C ALA A 215 -21.35 12.30 -18.10
N VAL A 216 -22.62 12.33 -18.49
CA VAL A 216 -23.07 11.98 -19.83
C VAL A 216 -23.45 13.27 -20.54
N SER A 217 -22.96 13.45 -21.77
CA SER A 217 -23.20 14.68 -22.50
C SER A 217 -24.65 14.80 -22.94
N ASP A 218 -25.15 16.04 -22.95
CA ASP A 218 -26.50 16.28 -23.43
C ASP A 218 -26.60 16.15 -24.95
N TRP A 219 -25.47 16.15 -25.66
CA TRP A 219 -25.46 16.20 -27.11
C TRP A 219 -24.85 14.92 -27.68
N LYS A 220 -25.49 14.40 -28.71
CA LYS A 220 -24.94 13.28 -29.43
C LYS A 220 -23.75 13.75 -30.27
N VAL A 221 -23.08 12.78 -30.91
CA VAL A 221 -21.80 13.03 -31.55
C VAL A 221 -21.96 13.95 -32.75
N GLY A 222 -23.03 13.80 -33.52
CA GLY A 222 -23.25 14.58 -34.71
C GLY A 222 -24.07 15.84 -34.49
N GLU A 223 -24.47 16.08 -33.28
CA GLU A 223 -25.16 17.33 -32.98
C GLU A 223 -24.15 18.34 -32.47
N PRO A 224 -24.30 19.62 -32.80
CA PRO A 224 -23.37 20.63 -32.27
C PRO A 224 -23.37 20.63 -30.75
N SER A 225 -22.19 20.45 -30.18
CA SER A 225 -22.00 20.43 -28.74
C SER A 225 -20.95 21.41 -28.26
N LEU A 226 -20.10 21.93 -29.14
CA LEU A 226 -19.12 22.95 -28.82
C LEU A 226 -18.95 23.82 -30.05
N PHE A 227 -18.06 24.80 -29.96
CA PHE A 227 -17.87 25.70 -31.08
C PHE A 227 -16.38 25.83 -31.39
N GLU A 228 -16.07 25.89 -32.67
CA GLU A 228 -14.71 26.09 -33.17
C GLU A 228 -14.72 27.47 -33.78
N GLY A 229 -14.54 28.49 -32.93
CA GLY A 229 -14.68 29.85 -33.38
C GLY A 229 -16.14 30.18 -33.65
N ASN A 230 -16.85 30.56 -32.59
CA ASN A 230 -18.26 30.98 -32.67
C ASN A 230 -19.16 29.86 -33.20
N VAL A 231 -19.09 29.59 -34.50
CA VAL A 231 -19.88 28.57 -35.20
C VAL A 231 -20.04 27.30 -34.37
N PRO A 232 -21.26 26.79 -34.18
CA PRO A 232 -21.43 25.55 -33.42
C PRO A 232 -20.90 24.35 -34.20
N ILE A 233 -20.21 23.47 -33.50
CA ILE A 233 -19.49 22.37 -34.11
C ILE A 233 -19.83 21.09 -33.34
N SER A 234 -20.07 19.99 -34.06
CA SER A 234 -20.32 18.71 -33.42
C SER A 234 -19.01 18.08 -32.96
N LEU A 235 -19.10 17.08 -32.08
CA LEU A 235 -17.91 16.35 -31.68
C LEU A 235 -17.29 15.61 -32.87
N ALA A 236 -18.14 15.09 -33.76
CA ALA A 236 -17.64 14.46 -34.98
C ALA A 236 -16.74 15.42 -35.75
N GLN A 237 -17.16 16.69 -35.89
CA GLN A 237 -16.37 17.66 -36.61
C GLN A 237 -15.03 17.95 -35.92
N GLN A 238 -15.02 18.03 -34.59
CA GLN A 238 -13.78 18.29 -33.87
C GLN A 238 -12.77 17.17 -34.06
N LEU A 239 -13.24 15.91 -34.02
CA LEU A 239 -12.34 14.79 -34.21
C LEU A 239 -11.84 14.71 -35.65
N VAL A 240 -12.65 15.09 -36.63
CA VAL A 240 -12.14 15.17 -38.00
C VAL A 240 -11.10 16.28 -38.11
N ARG A 241 -11.32 17.40 -37.40
CA ARG A 241 -10.44 18.57 -37.57
C ARG A 241 -9.06 18.33 -36.98
N THR A 242 -8.95 17.50 -35.93
CA THR A 242 -7.66 17.28 -35.29
C THR A 242 -7.04 15.94 -35.66
N ALA A 243 -7.56 15.27 -36.68
CA ALA A 243 -6.89 14.08 -37.17
C ALA A 243 -5.74 14.49 -38.09
N GLY A 244 -4.78 13.59 -38.26
CA GLY A 244 -3.67 13.83 -39.15
C GLY A 244 -3.64 12.86 -40.32
N ASN A 245 -3.14 13.34 -41.44
CA ASN A 245 -2.65 12.51 -42.54
C ASN A 245 -3.51 11.31 -42.90
N ALA A 246 -3.10 10.13 -42.45
CA ALA A 246 -3.84 8.91 -42.74
C ALA A 246 -4.59 8.46 -41.49
N ALA A 247 -5.59 9.26 -41.14
CA ALA A 247 -6.35 9.01 -39.94
C ALA A 247 -7.10 7.69 -40.06
N PRO A 248 -7.24 6.97 -38.95
CA PRO A 248 -8.01 5.72 -38.98
C PRO A 248 -9.45 5.98 -39.36
N LYS A 249 -10.05 5.01 -40.04
CA LYS A 249 -11.49 5.07 -40.34
C LYS A 249 -12.32 5.35 -39.09
N SER A 250 -11.92 4.80 -37.95
CA SER A 250 -12.78 4.81 -36.77
C SER A 250 -13.01 6.21 -36.21
N ILE A 251 -12.07 7.14 -36.43
CA ILE A 251 -12.19 8.48 -35.85
C ILE A 251 -12.74 9.49 -36.84
N ILE A 252 -12.93 9.12 -38.10
CA ILE A 252 -13.54 10.02 -39.07
C ILE A 252 -14.88 9.52 -39.55
N ASP A 253 -15.33 8.36 -39.07
CA ASP A 253 -16.56 7.71 -39.51
C ASP A 253 -17.40 7.33 -38.30
N LEU A 254 -17.68 8.30 -37.44
CA LEU A 254 -18.41 8.05 -36.20
C LEU A 254 -19.92 8.09 -36.42
N ASP A 255 -20.64 7.23 -35.71
CA ASP A 255 -22.10 7.22 -35.74
C ASP A 255 -22.63 8.55 -35.25
N PRO A 256 -23.37 9.29 -36.08
CA PRO A 256 -23.91 10.61 -35.65
C PRO A 256 -24.81 10.53 -34.43
N GLU A 257 -25.54 9.44 -34.25
CA GLU A 257 -26.49 9.31 -33.15
C GLU A 257 -25.88 8.70 -31.88
N GLY A 258 -24.60 8.32 -31.90
CA GLY A 258 -23.97 7.82 -30.69
C GLY A 258 -23.93 8.85 -29.59
N GLY A 259 -23.77 8.37 -28.35
CA GLY A 259 -23.62 9.27 -27.22
C GLY A 259 -22.16 9.54 -26.91
N ALA A 260 -21.92 10.60 -26.14
CA ALA A 260 -20.57 10.93 -25.70
C ALA A 260 -20.50 10.98 -24.18
N LEU A 261 -19.33 10.65 -23.65
CA LEU A 261 -18.99 10.79 -22.24
C LEU A 261 -18.24 12.09 -22.00
N GLU A 262 -18.19 12.51 -20.74
CA GLU A 262 -17.48 13.74 -20.36
C GLU A 262 -16.51 13.46 -19.21
N TYR A 263 -15.34 14.08 -19.27
CA TYR A 263 -14.31 13.91 -18.24
C TYR A 263 -13.64 15.25 -17.99
N PHE A 264 -12.85 15.30 -16.91
CA PHE A 264 -12.16 16.52 -16.51
C PHE A 264 -10.67 16.38 -16.82
N THR A 265 -10.10 17.43 -17.38
CA THR A 265 -8.67 17.54 -17.67
C THR A 265 -7.89 17.75 -16.37
N SER A 266 -6.62 17.34 -16.36
CA SER A 266 -5.84 17.53 -15.15
C SER A 266 -5.59 19.01 -14.83
N THR A 267 -6.03 19.94 -15.69
CA THR A 267 -6.16 21.35 -15.33
C THR A 267 -7.62 21.76 -15.14
N ASN A 268 -8.54 20.78 -15.06
CA ASN A 268 -9.94 20.99 -14.70
C ASN A 268 -10.76 21.64 -15.82
N GLU A 269 -10.45 21.32 -17.07
CA GLU A 269 -11.33 21.63 -18.18
C GLU A 269 -12.17 20.41 -18.51
N ARG A 270 -13.33 20.64 -19.11
CA ARG A 270 -14.22 19.55 -19.51
C ARG A 270 -14.04 19.21 -20.98
N ARG A 271 -13.99 17.92 -21.27
CA ARG A 271 -13.86 17.41 -22.63
C ARG A 271 -14.90 16.32 -22.86
N MET A 272 -15.17 16.02 -24.13
CA MET A 272 -16.09 14.97 -24.51
C MET A 272 -15.37 13.89 -25.29
N ALA A 273 -15.89 12.66 -25.21
CA ALA A 273 -15.34 11.52 -25.94
C ALA A 273 -16.48 10.61 -26.39
N PRO A 274 -16.45 10.11 -27.62
CA PRO A 274 -17.59 9.32 -28.12
C PRO A 274 -17.59 7.93 -27.52
N ALA A 275 -18.76 7.49 -27.08
CA ALA A 275 -18.87 6.18 -26.44
C ALA A 275 -18.49 5.07 -27.39
N GLU A 276 -18.59 5.33 -28.70
CA GLU A 276 -18.18 4.37 -29.72
C GLU A 276 -16.70 4.01 -29.66
N LEU A 277 -15.85 4.83 -29.03
CA LEU A 277 -14.40 4.61 -28.96
C LEU A 277 -13.90 4.36 -27.53
N CYS A 278 -14.79 4.03 -26.59
CA CYS A 278 -14.44 3.96 -25.18
C CYS A 278 -14.66 2.57 -24.64
N PHE A 279 -13.67 2.05 -23.91
CA PHE A 279 -13.62 0.64 -23.51
C PHE A 279 -13.45 0.57 -21.99
N LEU A 280 -14.47 0.07 -21.30
CA LEU A 280 -14.49 0.08 -19.84
C LEU A 280 -13.30 -0.69 -19.25
N ILE A 281 -12.59 -0.05 -18.33
CA ILE A 281 -11.58 -0.75 -17.55
C ILE A 281 -12.27 -1.59 -16.48
N GLU A 282 -11.96 -2.87 -16.45
CA GLU A 282 -12.46 -3.79 -15.45
C GLU A 282 -11.71 -3.56 -14.15
N ASP A 283 -12.33 -2.85 -13.22
CA ASP A 283 -11.83 -2.82 -11.86
C ASP A 283 -12.05 -4.21 -11.25
N THR A 284 -11.03 -5.07 -11.33
CA THR A 284 -11.19 -6.46 -10.89
C THR A 284 -11.23 -6.61 -9.37
N HIS A 285 -10.71 -5.62 -8.62
CA HIS A 285 -10.85 -5.62 -7.17
C HIS A 285 -12.23 -5.17 -6.72
N GLY A 286 -12.97 -4.45 -7.57
CA GLY A 286 -14.32 -4.05 -7.27
C GLY A 286 -15.34 -5.16 -7.48
N ARG A 287 -15.21 -5.88 -8.60
CA ARG A 287 -16.09 -7.00 -8.93
C ARG A 287 -15.25 -8.28 -8.94
N ARG A 288 -15.50 -9.16 -7.97
CA ARG A 288 -14.70 -10.35 -7.73
C ARG A 288 -14.54 -11.18 -9.00
N ALA A 289 -13.34 -11.13 -9.58
CA ALA A 289 -12.96 -11.92 -10.75
C ALA A 289 -11.66 -12.61 -10.36
N ALA A 290 -11.77 -13.79 -9.74
CA ALA A 290 -10.61 -14.51 -9.25
C ALA A 290 -9.92 -15.31 -10.35
N LYS A 291 -10.67 -15.80 -11.34
CA LYS A 291 -10.03 -16.47 -12.47
C LYS A 291 -9.22 -15.47 -13.27
N LEU A 292 -9.67 -14.21 -13.29
CA LEU A 292 -8.85 -13.13 -13.83
C LEU A 292 -7.64 -12.87 -12.93
N GLN A 293 -7.85 -12.77 -11.63
CA GLN A 293 -6.77 -12.40 -10.74
C GLN A 293 -5.57 -13.34 -10.84
N ARG A 294 -5.80 -14.62 -11.15
CA ARG A 294 -4.67 -15.52 -11.32
C ARG A 294 -3.80 -15.13 -12.51
N GLN A 295 -4.38 -14.48 -13.52
CA GLN A 295 -3.64 -14.11 -14.72
C GLN A 295 -2.59 -13.05 -14.43
N THR A 296 -2.70 -12.40 -13.29
CA THR A 296 -1.87 -11.27 -12.94
C THR A 296 -0.65 -11.69 -12.11
N ILE A 297 -0.65 -12.88 -11.55
CA ILE A 297 0.42 -13.41 -10.70
C ILE A 297 1.41 -14.19 -11.58
N LEU A 298 2.65 -13.70 -11.67
CA LEU A 298 3.61 -14.20 -12.65
C LEU A 298 4.70 -15.01 -11.96
N SER A 299 5.17 -16.08 -12.62
CA SER A 299 6.31 -16.80 -12.09
C SER A 299 7.56 -15.94 -12.25
N PRO A 300 8.62 -16.22 -11.49
CA PRO A 300 9.83 -15.40 -11.64
C PRO A 300 10.36 -15.38 -13.07
N SER A 301 10.32 -16.51 -13.78
CA SER A 301 10.85 -16.49 -15.12
C SER A 301 9.94 -15.70 -16.07
N GLU A 302 8.63 -15.74 -15.87
CA GLU A 302 7.74 -14.90 -16.66
C GLU A 302 7.99 -13.41 -16.37
N ARG A 303 8.09 -13.07 -15.10
CA ARG A 303 8.28 -11.67 -14.72
C ARG A 303 9.61 -11.15 -15.24
N ARG A 304 10.71 -11.91 -15.09
CA ARG A 304 11.98 -11.44 -15.60
C ARG A 304 11.94 -11.32 -17.13
N ALA A 305 11.30 -12.27 -17.81
CA ALA A 305 11.31 -12.26 -19.28
C ALA A 305 10.53 -11.07 -19.85
N ARG A 306 9.38 -10.74 -19.25
CA ARG A 306 8.58 -9.65 -19.79
C ARG A 306 9.27 -8.30 -19.59
N VAL A 307 9.93 -8.12 -18.44
CA VAL A 307 10.59 -6.85 -18.17
C VAL A 307 11.77 -6.67 -19.10
N ASN A 308 12.64 -7.67 -19.14
CA ASN A 308 13.81 -7.58 -20.00
C ASN A 308 13.42 -7.44 -21.46
N GLY A 309 12.38 -8.16 -21.89
CA GLY A 309 11.94 -8.06 -23.27
C GLY A 309 11.58 -6.64 -23.65
N PHE A 310 10.85 -5.95 -22.78
CA PHE A 310 10.48 -4.56 -23.01
C PHE A 310 11.72 -3.67 -23.12
N ILE A 311 12.71 -3.91 -22.27
CA ILE A 311 13.91 -3.08 -22.23
C ILE A 311 14.64 -3.17 -23.54
N ARG A 312 14.93 -4.40 -23.98
CA ARG A 312 15.67 -4.64 -25.20
C ARG A 312 14.88 -4.22 -26.44
N ARG A 313 13.56 -4.04 -26.32
CA ARG A 313 12.72 -3.74 -27.46
C ARG A 313 12.42 -2.25 -27.63
N TYR A 314 12.30 -1.50 -26.53
CA TYR A 314 11.93 -0.09 -26.58
C TYR A 314 12.94 0.87 -25.96
N LEU A 315 13.92 0.39 -25.21
CA LEU A 315 14.90 1.29 -24.62
C LEU A 315 16.33 1.01 -25.10
N SER A 316 16.46 0.41 -26.29
CA SER A 316 17.78 0.24 -26.91
C SER A 316 18.27 1.56 -27.48
N GLU A 317 17.44 2.25 -28.26
CA GLU A 317 17.72 3.60 -28.72
C GLU A 317 16.66 4.54 -28.18
N LEU A 318 17.09 5.75 -27.83
CA LEU A 318 16.22 6.72 -27.17
C LEU A 318 16.76 8.12 -27.44
N ASN A 319 16.08 8.88 -28.30
CA ASN A 319 16.48 10.23 -28.64
C ASN A 319 15.62 11.23 -27.89
N ILE A 320 16.24 12.03 -27.03
CA ILE A 320 15.59 13.14 -26.37
C ILE A 320 16.35 14.40 -26.76
N GLY A 321 15.71 15.24 -27.57
CA GLY A 321 16.49 16.30 -28.19
C GLY A 321 17.62 15.70 -28.99
N GLY A 322 18.77 16.34 -28.91
CA GLY A 322 19.95 15.79 -29.54
C GLY A 322 20.73 14.88 -28.62
N ALA A 323 20.03 13.98 -27.92
CA ALA A 323 20.65 13.04 -27.00
C ALA A 323 20.35 11.61 -27.42
N LYS A 324 21.36 10.75 -27.30
CA LYS A 324 21.26 9.33 -27.63
C LYS A 324 21.46 8.52 -26.35
N LEU A 325 20.36 8.12 -25.72
CA LEU A 325 20.37 7.34 -24.48
C LEU A 325 20.04 5.89 -24.77
N SER A 326 20.69 4.98 -24.03
CA SER A 326 20.41 3.55 -24.10
C SER A 326 20.26 3.01 -22.69
N ALA A 327 19.36 2.04 -22.53
CA ALA A 327 19.31 1.24 -21.31
C ALA A 327 19.97 -0.10 -21.60
N GLY A 328 21.10 -0.37 -20.93
CA GLY A 328 21.80 -1.62 -21.16
C GLY A 328 20.86 -2.80 -20.95
N ALA A 329 21.09 -3.88 -21.70
CA ALA A 329 20.21 -5.03 -21.65
C ALA A 329 20.41 -5.89 -20.40
N ARG A 330 21.61 -5.85 -19.80
CA ARG A 330 21.89 -6.64 -18.62
C ARG A 330 21.59 -5.83 -17.36
N ALA A 331 20.63 -6.28 -16.58
CA ALA A 331 20.36 -5.59 -15.32
C ALA A 331 21.54 -5.71 -14.38
N HIS A 332 21.56 -4.81 -13.39
CA HIS A 332 22.54 -4.86 -12.31
C HIS A 332 22.36 -6.14 -11.50
N ALA A 333 23.46 -6.83 -11.24
CA ALA A 333 23.49 -8.08 -10.50
C ALA A 333 24.57 -7.97 -9.43
N PHE A 334 24.41 -8.68 -8.32
CA PHE A 334 25.38 -8.57 -7.24
C PHE A 334 25.45 -9.87 -6.44
N PHE A 335 26.53 -9.96 -5.66
CA PHE A 335 26.75 -10.96 -4.62
C PHE A 335 26.42 -10.31 -3.28
N THR A 336 25.61 -10.97 -2.47
CA THR A 336 25.46 -10.46 -1.12
C THR A 336 25.29 -11.61 -0.14
N GLU A 337 25.63 -11.32 1.11
CA GLU A 337 25.22 -12.15 2.24
C GLU A 337 23.76 -11.87 2.57
N THR A 338 23.01 -12.93 2.79
CA THR A 338 21.58 -12.87 3.04
C THR A 338 21.34 -12.98 4.53
N HIS A 339 20.43 -12.15 5.06
CA HIS A 339 20.09 -12.21 6.48
C HIS A 339 19.45 -13.54 6.84
N MET A 340 19.93 -14.14 7.94
CA MET A 340 19.25 -15.24 8.62
C MET A 340 18.13 -14.71 9.53
N PRO A 341 17.03 -15.44 9.66
CA PRO A 341 15.97 -15.03 10.59
C PRO A 341 16.49 -15.03 12.02
N PRO A 342 15.92 -14.21 12.89
CA PRO A 342 16.44 -14.10 14.27
C PRO A 342 16.05 -15.29 15.13
N ALA A 343 16.85 -15.51 16.19
CA ALA A 343 16.49 -16.45 17.24
C ALA A 343 15.25 -15.96 17.99
N LEU A 344 14.36 -16.90 18.31
CA LEU A 344 13.07 -16.55 18.90
C LEU A 344 12.91 -17.22 20.26
N SER A 345 12.14 -16.57 21.15
CA SER A 345 11.90 -17.07 22.50
C SER A 345 10.45 -17.54 22.64
N PHE A 346 10.26 -18.77 23.09
CA PHE A 346 8.95 -19.36 23.33
C PHE A 346 8.75 -19.58 24.83
N GLY A 347 7.68 -20.30 25.18
CA GLY A 347 7.47 -20.66 26.58
C GLY A 347 8.59 -21.52 27.16
N ASN A 348 8.58 -21.61 28.49
CA ASN A 348 9.46 -22.52 29.23
C ASN A 348 10.92 -22.41 28.81
N GLY A 349 11.39 -21.18 28.66
CA GLY A 349 12.80 -20.95 28.38
C GLY A 349 13.33 -21.63 27.12
N THR A 350 12.49 -21.80 26.10
CA THR A 350 12.85 -22.53 24.89
C THR A 350 13.16 -21.56 23.75
N VAL A 351 14.32 -21.69 23.13
CA VAL A 351 14.67 -20.83 22.00
C VAL A 351 14.63 -21.61 20.70
N LEU A 352 14.23 -20.90 19.66
CA LEU A 352 14.20 -21.41 18.29
C LEU A 352 15.26 -20.67 17.49
N ALA A 353 16.24 -21.41 16.97
CA ALA A 353 17.30 -20.81 16.19
C ALA A 353 17.36 -21.45 14.81
N PRO A 354 17.63 -20.68 13.76
CA PRO A 354 17.88 -21.31 12.46
C PRO A 354 19.13 -22.17 12.52
N ASP A 355 19.05 -23.36 11.92
CA ASP A 355 20.14 -24.31 11.91
C ASP A 355 21.16 -23.91 10.85
N THR A 356 22.38 -23.59 11.27
CA THR A 356 23.37 -23.05 10.34
C THR A 356 24.14 -24.13 9.56
N SER A 357 24.01 -25.40 9.94
CA SER A 357 24.74 -26.47 9.25
C SER A 357 23.98 -27.06 8.07
N LYS A 358 22.64 -27.09 8.11
CA LYS A 358 21.86 -27.46 6.93
C LYS A 358 21.95 -26.35 5.88
N ASP A 359 21.58 -26.68 4.66
CA ASP A 359 21.52 -25.67 3.61
C ASP A 359 20.36 -24.71 3.88
N ARG A 360 20.47 -23.51 3.30
CA ARG A 360 19.64 -22.38 3.73
C ARG A 360 18.16 -22.70 3.59
N PHE A 361 17.76 -23.26 2.45
CA PHE A 361 16.34 -23.43 2.17
C PHE A 361 15.69 -24.41 3.14
N GLN A 362 16.32 -25.57 3.31
CA GLN A 362 15.83 -26.56 4.26
C GLN A 362 15.79 -25.98 5.68
N ALA A 363 16.75 -25.11 6.02
CA ALA A 363 16.79 -24.51 7.34
C ALA A 363 15.68 -23.50 7.53
N MET A 364 15.32 -22.74 6.48
CA MET A 364 14.23 -21.78 6.59
C MET A 364 12.88 -22.47 6.74
N GLN A 365 12.67 -23.57 6.04
CA GLN A 365 11.37 -24.24 6.12
C GLN A 365 11.19 -24.90 7.48
N GLU A 366 12.25 -25.45 8.03
CA GLU A 366 12.20 -26.05 9.36
C GLU A 366 11.91 -24.99 10.42
N TYR A 367 12.64 -23.87 10.37
CA TYR A 367 12.40 -22.76 11.28
C TYR A 367 10.93 -22.33 11.23
N SER A 368 10.44 -22.10 10.02
CA SER A 368 9.11 -21.53 9.88
C SER A 368 8.04 -22.48 10.42
N SER A 369 8.14 -23.78 10.07
CA SER A 369 7.20 -24.78 10.58
C SER A 369 7.23 -24.85 12.10
N MET A 370 8.42 -24.81 12.66
CA MET A 370 8.65 -24.90 14.08
C MET A 370 8.08 -23.70 14.85
N ARG A 371 7.89 -22.54 14.19
CA ARG A 371 7.22 -21.44 14.86
C ARG A 371 5.78 -21.82 15.22
N ARG A 372 5.13 -22.61 14.35
CA ARG A 372 3.82 -23.16 14.64
C ARG A 372 3.89 -24.33 15.63
N THR A 373 4.77 -25.32 15.39
CA THR A 373 4.70 -26.50 16.22
C THR A 373 5.15 -26.21 17.66
N MET A 374 6.15 -25.34 17.86
CA MET A 374 6.52 -24.95 19.23
C MET A 374 5.38 -24.22 19.94
N MET A 375 4.68 -23.33 19.24
CA MET A 375 3.57 -22.60 19.85
C MET A 375 2.50 -23.57 20.38
N LEU A 376 2.28 -24.68 19.66
CA LEU A 376 1.22 -25.62 19.98
C LEU A 376 1.63 -26.68 21.00
N ASP A 377 2.93 -26.88 21.24
CA ASP A 377 3.43 -27.95 22.07
C ASP A 377 3.24 -27.58 23.54
N LYS A 378 2.45 -28.37 24.29
CA LYS A 378 2.24 -27.97 25.68
C LYS A 378 3.51 -28.03 26.51
N LYS A 379 4.60 -28.61 26.01
CA LYS A 379 5.84 -28.55 26.77
C LYS A 379 6.58 -27.23 26.58
N VAL A 380 6.26 -26.48 25.51
CA VAL A 380 6.92 -25.19 25.32
C VAL A 380 5.84 -24.11 25.22
N GLY A 381 5.07 -24.07 24.14
CA GLY A 381 3.91 -23.16 24.12
C GLY A 381 4.22 -21.67 24.06
N PHE A 382 3.18 -20.88 24.32
CA PHE A 382 3.25 -19.41 24.16
C PHE A 382 4.29 -18.80 25.08
N PHE A 383 4.96 -17.74 24.60
CA PHE A 383 5.92 -17.03 25.44
C PHE A 383 5.22 -16.42 26.65
N HIS A 384 4.04 -15.84 26.44
CA HIS A 384 3.27 -15.25 27.53
C HIS A 384 2.12 -16.19 27.89
N GLN A 385 2.19 -16.80 29.08
CA GLN A 385 1.19 -17.79 29.52
C GLN A 385 0.59 -17.35 30.84
N ASP A 386 -0.72 -17.14 30.86
CA ASP A 386 -1.44 -16.71 32.04
C ASP A 386 -2.93 -16.84 31.80
N VAL A 387 -3.71 -16.86 32.90
CA VAL A 387 -5.15 -16.87 32.76
C VAL A 387 -5.61 -15.56 32.11
N PHE A 388 -6.68 -15.66 31.31
CA PHE A 388 -7.28 -14.49 30.71
C PHE A 388 -8.05 -13.73 31.78
N PRO A 389 -8.16 -12.40 31.68
CA PRO A 389 -9.20 -11.69 32.42
C PRO A 389 -10.57 -12.07 31.87
N PRO A 390 -11.66 -11.69 32.54
CA PRO A 390 -12.99 -12.13 32.06
C PRO A 390 -13.25 -11.67 30.64
N GLN A 391 -14.00 -12.49 29.90
CA GLN A 391 -14.25 -12.28 28.47
C GLN A 391 -15.75 -12.37 28.18
N THR A 392 -16.15 -11.77 27.06
CA THR A 392 -17.55 -11.78 26.63
C THR A 392 -17.63 -12.15 25.15
N LEU A 393 -18.61 -12.99 24.83
CA LEU A 393 -18.92 -13.34 23.44
C LEU A 393 -20.31 -12.79 23.14
N LEU A 394 -20.39 -11.78 22.28
CA LEU A 394 -21.65 -11.11 21.96
C LEU A 394 -22.13 -11.57 20.57
N LEU A 395 -23.26 -12.33 20.54
CA LEU A 395 -23.81 -12.96 19.34
C LEU A 395 -25.15 -12.35 18.92
N PRO A 396 -25.44 -12.29 17.62
CA PRO A 396 -26.79 -11.94 17.21
C PRO A 396 -27.79 -12.95 17.76
N GLU A 397 -28.99 -12.46 18.07
CA GLU A 397 -30.05 -13.33 18.57
C GLU A 397 -30.41 -14.42 17.56
N SER A 398 -30.49 -14.07 16.27
CA SER A 398 -30.82 -15.08 15.26
C SER A 398 -29.80 -16.22 15.26
N VAL A 399 -28.54 -15.92 15.59
CA VAL A 399 -27.50 -16.94 15.65
C VAL A 399 -27.60 -17.72 16.95
N LYS A 400 -27.72 -17.02 18.09
CA LYS A 400 -27.84 -17.77 19.35
C LYS A 400 -29.00 -18.74 19.28
N LYS A 401 -30.01 -18.41 18.49
CA LYS A 401 -31.20 -19.25 18.42
C LYS A 401 -31.06 -20.41 17.43
N SER A 402 -29.99 -20.46 16.63
CA SER A 402 -29.82 -21.55 15.69
C SER A 402 -28.50 -22.25 15.97
N TRP A 403 -27.45 -21.95 15.21
CA TRP A 403 -26.18 -22.65 15.27
C TRP A 403 -25.17 -21.98 16.21
N GLY A 404 -25.49 -20.82 16.78
CA GLY A 404 -24.64 -20.13 17.73
C GLY A 404 -24.08 -21.04 18.83
N PRO A 405 -24.96 -21.74 19.55
CA PRO A 405 -24.47 -22.60 20.65
C PRO A 405 -23.44 -23.62 20.22
N ALA A 406 -23.62 -24.24 19.05
CA ALA A 406 -22.67 -25.24 18.59
C ALA A 406 -21.36 -24.58 18.18
N PHE A 407 -21.42 -23.42 17.55
CA PHE A 407 -20.20 -22.71 17.21
C PHE A 407 -19.41 -22.34 18.46
N ALA A 408 -20.10 -21.83 19.50
CA ALA A 408 -19.43 -21.36 20.71
C ALA A 408 -18.70 -22.49 21.43
N SER A 409 -19.37 -23.62 21.62
CA SER A 409 -18.74 -24.78 22.22
C SER A 409 -17.46 -25.17 21.47
N ASP A 410 -17.54 -25.31 20.15
CA ASP A 410 -16.34 -25.63 19.38
C ASP A 410 -15.29 -24.53 19.52
N PHE A 411 -15.72 -23.26 19.54
CA PHE A 411 -14.75 -22.17 19.59
C PHE A 411 -14.04 -22.14 20.94
N VAL A 412 -14.81 -22.26 22.02
CA VAL A 412 -14.24 -22.34 23.37
C VAL A 412 -13.21 -23.48 23.44
N GLY A 413 -13.57 -24.66 22.97
CA GLY A 413 -12.66 -25.81 23.04
C GLY A 413 -11.39 -25.59 22.23
N THR A 414 -11.49 -24.85 21.12
CA THR A 414 -10.36 -24.55 20.26
C THR A 414 -9.37 -23.61 20.96
N VAL A 415 -9.89 -22.55 21.62
CA VAL A 415 -9.05 -21.65 22.42
C VAL A 415 -8.32 -22.40 23.52
N GLN A 416 -9.03 -23.27 24.25
CA GLN A 416 -8.40 -23.94 25.38
C GLN A 416 -7.33 -24.93 24.93
N GLU A 417 -7.51 -25.56 23.78
CA GLU A 417 -6.46 -26.39 23.22
C GLU A 417 -5.28 -25.56 22.69
N LEU A 418 -5.52 -24.35 22.17
CA LEU A 418 -4.42 -23.55 21.64
C LEU A 418 -3.68 -22.83 22.77
N TYR A 419 -4.40 -22.34 23.76
CA TYR A 419 -3.86 -21.53 24.84
C TYR A 419 -4.33 -22.16 26.15
N PRO A 420 -3.78 -23.31 26.53
CA PRO A 420 -4.29 -24.00 27.72
C PRO A 420 -4.19 -23.18 28.99
N ALA A 421 -3.18 -22.32 29.15
CA ALA A 421 -3.06 -21.58 30.39
C ALA A 421 -4.19 -20.56 30.62
N GLY A 422 -5.05 -20.32 29.62
CA GLY A 422 -5.96 -19.19 29.70
C GLY A 422 -7.24 -19.43 30.47
N GLY A 423 -7.69 -20.68 30.58
CA GLY A 423 -9.01 -20.93 31.13
C GLY A 423 -10.13 -20.18 30.45
N TYR A 424 -10.05 -19.96 29.14
CA TYR A 424 -11.09 -19.23 28.41
C TYR A 424 -12.50 -19.72 28.76
N ARG A 425 -13.32 -18.82 29.29
CA ARG A 425 -14.67 -19.17 29.74
C ARG A 425 -15.58 -17.97 29.58
N PRO A 426 -16.01 -17.67 28.35
CA PRO A 426 -16.70 -16.40 28.10
C PRO A 426 -18.17 -16.46 28.47
N GLU A 427 -18.68 -15.32 28.94
CA GLU A 427 -20.11 -15.15 29.06
C GLU A 427 -20.70 -14.89 27.67
N ILE A 428 -21.72 -15.65 27.30
CA ILE A 428 -22.33 -15.55 25.99
C ILE A 428 -23.59 -14.70 26.11
N ILE A 429 -23.64 -13.60 25.35
CA ILE A 429 -24.72 -12.62 25.40
C ILE A 429 -25.22 -12.40 23.97
N GLU A 430 -26.38 -11.74 23.84
CA GLU A 430 -26.98 -11.54 22.52
C GLU A 430 -27.49 -10.11 22.38
N TYR A 431 -27.73 -9.72 21.13
CA TYR A 431 -28.36 -8.44 20.82
C TYR A 431 -29.44 -8.65 19.76
N ARG A 432 -30.43 -7.75 19.74
CA ARG A 432 -31.61 -7.95 18.92
C ARG A 432 -31.32 -7.52 17.48
N ASP A 433 -30.70 -8.42 16.72
CA ASP A 433 -30.26 -8.10 15.36
C ASP A 433 -31.39 -8.07 14.34
N LYS A 434 -32.65 -8.30 14.73
CA LYS A 434 -33.76 -8.23 13.78
C LYS A 434 -34.83 -7.24 14.21
N ALA A 435 -34.57 -6.42 15.22
CA ALA A 435 -35.61 -5.56 15.76
C ALA A 435 -35.57 -4.14 15.20
N TYR A 436 -34.51 -3.76 14.48
CA TYR A 436 -34.35 -2.35 14.12
C TYR A 436 -33.97 -2.07 12.67
N GLY A 437 -33.71 -3.08 11.84
CA GLY A 437 -33.57 -2.76 10.44
C GLY A 437 -32.36 -3.29 9.71
N GLY A 438 -31.40 -3.92 10.37
CA GLY A 438 -30.45 -4.70 9.60
C GLY A 438 -29.42 -3.89 8.83
N GLY A 439 -29.66 -2.60 8.61
CA GLY A 439 -28.63 -1.74 8.09
C GLY A 439 -27.62 -1.40 9.18
N VAL A 440 -26.60 -0.61 8.81
CA VAL A 440 -25.65 -0.14 9.81
C VAL A 440 -26.34 0.60 10.95
N PRO A 441 -27.18 1.61 10.73
CA PRO A 441 -28.01 2.11 11.84
C PRO A 441 -29.10 1.08 12.11
N GLY A 442 -29.28 0.74 13.37
CA GLY A 442 -30.24 -0.34 13.59
C GLY A 442 -29.57 -1.60 14.07
N GLN A 443 -28.54 -2.06 13.35
CA GLN A 443 -27.60 -2.99 13.95
C GLN A 443 -26.87 -2.30 15.11
N MET A 444 -26.35 -1.09 14.84
CA MET A 444 -25.68 -0.33 15.91
C MET A 444 -26.65 0.05 17.02
N LYS A 445 -27.92 0.29 16.68
CA LYS A 445 -28.88 0.59 17.72
C LYS A 445 -29.03 -0.58 18.68
N ALA A 446 -29.06 -1.81 18.15
CA ALA A 446 -29.18 -2.98 19.01
C ALA A 446 -27.89 -3.24 19.80
N LEU A 447 -26.73 -3.03 19.18
CA LEU A 447 -25.46 -3.23 19.87
C LEU A 447 -25.28 -2.24 21.01
N LEU A 448 -25.58 -0.96 20.77
CA LEU A 448 -25.42 0.04 21.81
C LEU A 448 -26.35 -0.22 23.00
N GLU A 449 -27.53 -0.77 22.76
CA GLU A 449 -28.47 -0.83 23.86
C GLU A 449 -28.21 -2.05 24.74
N VAL A 450 -27.59 -3.09 24.18
CA VAL A 450 -26.98 -4.12 25.01
C VAL A 450 -25.86 -3.52 25.87
N ALA A 451 -24.98 -2.74 25.24
CA ALA A 451 -23.94 -2.05 25.99
C ALA A 451 -24.54 -1.18 27.10
N GLU A 452 -25.48 -0.28 26.73
CA GLU A 452 -26.06 0.67 27.68
C GLU A 452 -26.71 0.00 28.87
N ARG A 453 -27.13 -1.27 28.73
CA ARG A 453 -27.73 -1.98 29.84
C ARG A 453 -26.69 -2.45 30.86
N GLY A 454 -25.41 -2.48 30.48
CA GLY A 454 -24.40 -3.05 31.35
C GLY A 454 -24.32 -4.56 31.28
N GLU A 455 -24.85 -5.17 30.22
CA GLU A 455 -24.75 -6.62 30.05
C GLU A 455 -23.35 -7.06 29.67
N ILE A 456 -22.50 -6.13 29.22
CA ILE A 456 -21.09 -6.45 28.94
C ILE A 456 -20.32 -6.12 30.20
N LYS A 457 -20.47 -6.99 31.20
CA LYS A 457 -19.46 -7.05 32.24
C LYS A 457 -18.15 -7.49 31.58
N SER A 458 -17.02 -7.20 32.22
CA SER A 458 -15.70 -7.47 31.63
C SER A 458 -15.34 -6.46 30.54
N GLY A 459 -14.05 -6.09 30.47
CA GLY A 459 -13.60 -5.08 29.53
C GLY A 459 -13.30 -5.58 28.13
N ASP A 460 -13.13 -6.88 27.95
CA ASP A 460 -12.85 -7.46 26.64
C ASP A 460 -14.11 -8.05 26.03
N VAL A 461 -14.37 -7.73 24.76
CA VAL A 461 -15.55 -8.25 24.06
C VAL A 461 -15.16 -8.70 22.67
N LEU A 462 -15.64 -9.87 22.30
CA LEU A 462 -15.58 -10.35 20.93
C LEU A 462 -17.01 -10.38 20.42
N VAL A 463 -17.34 -9.53 19.47
CA VAL A 463 -18.71 -9.42 18.97
C VAL A 463 -18.76 -9.94 17.55
N MET A 464 -19.75 -10.78 17.26
CA MET A 464 -20.00 -11.30 15.93
C MET A 464 -20.97 -10.36 15.20
N LEU A 465 -20.50 -9.75 14.12
CA LEU A 465 -21.30 -8.84 13.32
C LEU A 465 -21.78 -9.51 12.04
N HIS A 466 -22.88 -8.96 11.50
CA HIS A 466 -23.39 -9.35 10.20
C HIS A 466 -22.69 -8.54 9.10
N ARG A 467 -22.41 -9.18 7.97
CA ARG A 467 -21.90 -8.47 6.81
C ARG A 467 -23.00 -7.67 6.14
N ILE A 468 -22.73 -6.39 5.91
CA ILE A 468 -23.67 -5.47 5.26
C ILE A 468 -23.42 -5.47 3.76
N ASN A 469 -22.23 -5.04 3.35
CA ASN A 469 -21.83 -5.10 1.95
C ASN A 469 -20.57 -5.95 1.79
N GLY A 470 -20.49 -6.63 0.66
CA GLY A 470 -19.26 -7.27 0.23
C GLY A 470 -18.40 -6.32 -0.56
N ALA A 471 -17.96 -6.74 -1.76
CA ALA A 471 -17.06 -5.99 -2.61
C ALA A 471 -15.79 -5.63 -1.84
N PRO A 472 -14.73 -6.44 -1.95
CA PRO A 472 -13.52 -6.21 -1.12
C PRO A 472 -12.90 -4.83 -1.29
N ARG A 473 -13.31 -4.04 -2.29
CA ARG A 473 -12.86 -2.67 -2.45
C ARG A 473 -13.95 -1.69 -2.01
N ALA A 474 -14.35 -1.83 -0.75
CA ALA A 474 -15.34 -0.95 -0.13
C ALA A 474 -14.86 -0.53 1.26
N GLN A 475 -15.77 -0.47 2.23
CA GLN A 475 -15.41 -0.18 3.61
C GLN A 475 -16.51 -0.68 4.52
N ASP A 476 -16.15 -1.49 5.52
CA ASP A 476 -17.12 -1.99 6.50
C ASP A 476 -17.19 -1.00 7.66
N LYS A 477 -18.14 -0.06 7.57
CA LYS A 477 -18.26 0.97 8.58
C LYS A 477 -18.84 0.43 9.89
N LEU A 478 -19.54 -0.71 9.87
CA LEU A 478 -20.14 -1.23 11.10
C LEU A 478 -19.07 -1.65 12.11
N ALA A 479 -18.06 -2.40 11.68
CA ALA A 479 -17.04 -2.82 12.64
C ALA A 479 -16.30 -1.61 13.22
N ALA A 480 -15.96 -0.63 12.38
CA ALA A 480 -15.25 0.54 12.89
C ALA A 480 -16.11 1.32 13.87
N MET A 481 -17.39 1.49 13.55
CA MET A 481 -18.34 2.14 14.44
C MET A 481 -18.41 1.42 15.79
N VAL A 482 -18.57 0.10 15.78
CA VAL A 482 -18.72 -0.65 17.03
C VAL A 482 -17.46 -0.51 17.88
N CYS A 483 -16.30 -0.67 17.26
CA CYS A 483 -15.07 -0.52 18.02
C CYS A 483 -14.94 0.90 18.57
N ASN A 484 -15.25 1.90 17.75
CA ASN A 484 -15.12 3.29 18.17
C ASN A 484 -16.01 3.61 19.38
N GLU A 485 -17.28 3.22 19.33
CA GLU A 485 -18.20 3.60 20.39
C GLU A 485 -17.93 2.81 21.67
N PHE A 486 -17.72 1.50 21.54
CA PHE A 486 -17.48 0.66 22.71
C PHE A 486 -16.20 1.09 23.45
N GLU A 487 -15.17 1.48 22.69
CA GLU A 487 -13.97 2.03 23.31
C GLU A 487 -14.24 3.39 23.94
N LYS A 488 -15.01 4.23 23.28
CA LYS A 488 -15.08 5.62 23.70
C LYS A 488 -16.10 5.86 24.80
N ARG A 489 -17.28 5.24 24.72
CA ARG A 489 -18.35 5.46 25.71
C ARG A 489 -18.31 4.48 26.87
N PHE A 490 -17.92 3.25 26.62
CA PHE A 490 -17.64 2.26 27.64
C PHE A 490 -16.13 1.96 27.59
N GLY A 491 -15.66 1.10 28.47
CA GLY A 491 -14.21 0.98 28.50
C GLY A 491 -13.68 -0.23 27.76
N LYS A 492 -14.38 -0.66 26.72
CA LYS A 492 -14.19 -2.01 26.18
C LYS A 492 -13.07 -2.08 25.15
N ARG A 493 -12.33 -3.18 25.18
CA ARG A 493 -11.45 -3.60 24.10
C ARG A 493 -12.22 -4.61 23.27
N VAL A 494 -12.44 -4.32 21.99
CA VAL A 494 -13.32 -5.14 21.17
C VAL A 494 -12.58 -5.71 19.97
N GLN A 495 -12.80 -7.01 19.73
CA GLN A 495 -12.41 -7.69 18.50
C GLN A 495 -13.69 -8.17 17.80
N VAL A 496 -13.62 -8.31 16.47
CA VAL A 496 -14.80 -8.56 15.65
C VAL A 496 -14.59 -9.84 14.85
N ILE A 497 -15.68 -10.61 14.67
CA ILE A 497 -15.77 -11.61 13.60
C ILE A 497 -17.10 -11.40 12.89
N HIS A 498 -17.24 -11.99 11.71
CA HIS A 498 -18.49 -11.88 10.99
C HIS A 498 -19.23 -13.21 11.01
N SER A 499 -20.51 -13.19 10.67
CA SER A 499 -21.37 -14.35 10.88
C SER A 499 -21.53 -15.24 9.65
N ASP A 500 -21.18 -14.77 8.45
CA ASP A 500 -21.38 -15.57 7.24
C ASP A 500 -20.47 -16.80 7.19
N SER A 501 -19.17 -16.62 7.43
CA SER A 501 -18.21 -17.70 7.26
C SER A 501 -18.38 -18.80 8.31
N PRO A 502 -18.53 -18.50 9.62
CA PRO A 502 -18.77 -19.60 10.57
C PRO A 502 -20.10 -20.31 10.35
N GLY A 503 -21.17 -19.59 10.01
CA GLY A 503 -22.43 -20.24 9.73
C GLY A 503 -22.34 -21.28 8.63
N ARG A 504 -21.49 -21.04 7.61
CA ARG A 504 -21.26 -22.03 6.57
C ARG A 504 -20.61 -23.29 7.12
N GLY A 505 -20.06 -23.24 8.33
CA GLY A 505 -19.44 -24.42 8.91
C GLY A 505 -20.37 -25.35 9.65
N TYR A 506 -21.65 -25.01 9.78
CA TYR A 506 -22.59 -25.80 10.55
C TYR A 506 -23.82 -26.21 9.73
N LYS A 507 -24.23 -27.47 9.86
CA LYS A 507 -25.45 -27.95 9.22
C LYS A 507 -26.33 -28.60 10.28
N ARG A 508 -27.64 -28.49 10.09
CA ARG A 508 -28.62 -28.96 11.07
C ARG A 508 -28.90 -30.43 10.82
N ILE A 509 -29.03 -31.18 11.92
CA ILE A 509 -29.01 -32.62 11.90
C ILE A 509 -30.05 -33.11 12.88
N PHE A 510 -30.56 -34.31 12.66
CA PHE A 510 -31.54 -34.92 13.54
C PHE A 510 -30.82 -36.00 14.32
N LYS A 511 -30.71 -35.82 15.63
CA LYS A 511 -29.98 -36.78 16.45
C LYS A 511 -30.74 -37.02 17.73
N ASN A 512 -30.93 -38.29 18.06
CA ASN A 512 -31.70 -38.69 19.22
C ASN A 512 -33.03 -37.94 19.26
N ASP A 513 -33.71 -37.88 18.11
CA ASP A 513 -35.03 -37.25 18.01
C ASP A 513 -35.00 -35.75 18.38
N LYS A 514 -33.91 -35.05 18.12
CA LYS A 514 -33.82 -33.61 18.38
C LYS A 514 -32.96 -32.99 17.29
N PRO A 515 -33.40 -31.90 16.67
CA PRO A 515 -32.49 -31.07 15.87
C PRO A 515 -31.26 -30.67 16.67
N THR A 516 -30.10 -30.72 15.99
CA THR A 516 -28.82 -30.31 16.53
C THR A 516 -27.99 -29.75 15.40
N TYR A 517 -27.07 -28.85 15.71
CA TYR A 517 -26.15 -28.36 14.71
C TYR A 517 -24.80 -29.03 14.93
N VAL A 518 -24.19 -29.47 13.83
CA VAL A 518 -22.93 -30.19 13.86
C VAL A 518 -22.06 -29.56 12.78
N GLN A 519 -20.76 -29.84 12.83
CA GLN A 519 -19.86 -29.25 11.84
C GLN A 519 -20.10 -29.89 10.48
N GLN A 520 -20.00 -29.09 9.42
CA GLN A 520 -19.95 -29.66 8.08
C GLN A 520 -18.61 -29.32 7.44
N ARG A 521 -18.31 -29.96 6.31
CA ARG A 521 -16.97 -29.85 5.74
C ARG A 521 -16.96 -29.97 4.22
N GLY A 522 -18.03 -29.55 3.55
CA GLY A 522 -18.06 -29.51 2.11
C GLY A 522 -17.37 -28.30 1.53
N ARG A 523 -18.12 -27.21 1.33
CA ARG A 523 -17.63 -26.03 0.63
C ARG A 523 -18.26 -24.76 1.21
N GLY A 524 -17.43 -23.72 1.37
CA GLY A 524 -17.86 -22.46 1.96
C GLY A 524 -16.85 -21.93 2.95
N VAL A 525 -16.32 -22.84 3.79
CA VAL A 525 -15.23 -22.53 4.70
C VAL A 525 -14.66 -23.87 5.18
N ASN A 526 -13.43 -23.84 5.69
CA ASN A 526 -12.87 -24.98 6.42
C ASN A 526 -13.02 -24.63 7.89
N ILE A 527 -14.02 -25.23 8.54
CA ILE A 527 -14.44 -24.65 9.82
C ILE A 527 -13.39 -24.87 10.90
N LYS A 528 -12.72 -26.03 10.88
CA LYS A 528 -11.64 -26.26 11.85
C LYS A 528 -10.53 -25.23 11.69
N GLY A 529 -10.13 -24.95 10.45
CA GLY A 529 -9.13 -23.92 10.23
C GLY A 529 -9.60 -22.54 10.66
N TYR A 530 -10.87 -22.22 10.39
CA TYR A 530 -11.44 -20.94 10.82
C TYR A 530 -11.36 -20.79 12.34
N LEU A 531 -11.75 -21.84 13.07
CA LEU A 531 -11.78 -21.76 14.53
C LEU A 531 -10.39 -21.52 15.10
N LYS A 532 -9.37 -22.21 14.55
CA LYS A 532 -8.00 -22.02 15.02
C LYS A 532 -7.50 -20.61 14.71
N GLY A 533 -7.70 -20.12 13.49
CA GLY A 533 -7.24 -18.78 13.15
C GLY A 533 -7.90 -17.70 13.99
N ALA A 534 -9.22 -17.75 14.12
CA ALA A 534 -9.92 -16.78 14.95
C ALA A 534 -9.50 -16.89 16.41
N ALA A 535 -9.24 -18.10 16.88
CA ALA A 535 -8.82 -18.27 18.27
C ALA A 535 -7.50 -17.56 18.53
N LEU A 536 -6.55 -17.70 17.60
CA LEU A 536 -5.25 -17.03 17.75
C LEU A 536 -5.40 -15.53 17.59
N ASN A 537 -6.06 -15.09 16.52
CA ASN A 537 -6.01 -13.68 16.19
C ASN A 537 -6.97 -12.86 17.04
N LYS A 538 -8.13 -13.40 17.41
CA LYS A 538 -9.14 -12.57 18.04
C LYS A 538 -9.08 -12.63 19.56
N VAL A 539 -8.78 -13.79 20.16
CA VAL A 539 -8.76 -13.96 21.61
C VAL A 539 -7.33 -13.85 22.15
N CYS A 540 -6.42 -14.68 21.65
CA CYS A 540 -5.05 -14.67 22.19
C CYS A 540 -4.34 -13.35 21.88
N LEU A 541 -4.20 -13.02 20.59
CA LEU A 541 -3.56 -11.75 20.21
C LEU A 541 -4.37 -10.56 20.71
N GLY A 542 -5.70 -10.66 20.69
CA GLY A 542 -6.49 -9.53 21.15
C GLY A 542 -6.36 -9.27 22.64
N ASN A 543 -5.97 -10.28 23.42
CA ASN A 543 -5.56 -10.07 24.81
C ASN A 543 -4.06 -9.84 24.98
N SER A 544 -3.32 -9.55 23.90
CA SER A 544 -1.88 -9.31 23.99
C SER A 544 -1.12 -10.49 24.60
N ARG A 545 -1.45 -11.71 24.19
CA ARG A 545 -0.69 -12.89 24.61
C ARG A 545 0.21 -13.28 23.45
N TRP A 546 1.42 -12.81 23.48
CA TRP A 546 2.28 -12.96 22.32
C TRP A 546 2.88 -14.37 22.31
N PRO A 547 2.79 -15.10 21.20
CA PRO A 547 3.31 -16.48 21.17
C PRO A 547 4.82 -16.58 21.21
N PHE A 548 5.56 -15.60 20.67
CA PHE A 548 7.02 -15.67 20.69
C PHE A 548 7.60 -14.28 20.42
N VAL A 549 8.81 -14.04 20.90
CA VAL A 549 9.44 -12.73 20.83
C VAL A 549 10.90 -12.90 20.39
N LEU A 550 11.54 -11.78 20.05
CA LEU A 550 12.95 -11.80 19.66
C LEU A 550 13.83 -12.13 20.85
N ARG A 551 14.77 -13.06 20.69
CA ARG A 551 15.70 -13.31 21.79
C ARG A 551 16.71 -12.17 21.92
N ASP A 552 17.20 -11.63 20.81
CA ASP A 552 18.30 -10.66 20.88
C ASP A 552 17.82 -9.26 20.55
N PRO A 553 18.52 -8.22 21.02
CA PRO A 553 18.14 -6.84 20.71
C PRO A 553 18.21 -6.51 19.21
N LEU A 554 17.23 -5.73 18.75
CA LEU A 554 17.31 -5.04 17.47
C LEU A 554 18.37 -3.92 17.52
N ASN A 555 18.65 -3.32 16.36
CA ASN A 555 19.50 -2.12 16.31
C ASN A 555 18.85 -0.95 17.04
N ALA A 556 17.53 -0.83 16.91
CA ALA A 556 16.78 0.17 17.63
C ALA A 556 16.29 -0.40 18.96
N ASP A 557 16.29 0.44 20.00
CA ASP A 557 15.69 0.06 21.28
C ASP A 557 14.16 0.10 21.24
N VAL A 558 13.61 1.02 20.44
CA VAL A 558 12.18 1.22 20.32
C VAL A 558 11.88 1.57 18.87
N THR A 559 10.90 0.90 18.27
CA THR A 559 10.47 1.32 16.97
C THR A 559 8.95 1.55 16.98
N ILE A 560 8.53 2.64 16.35
CA ILE A 560 7.16 3.14 16.40
C ILE A 560 6.57 3.14 14.99
N GLY A 561 5.39 2.55 14.82
CA GLY A 561 4.68 2.61 13.56
C GLY A 561 3.64 3.72 13.57
N ILE A 562 3.41 4.32 12.40
CA ILE A 562 2.45 5.42 12.26
C ILE A 562 1.73 5.28 10.92
N ASP A 563 0.40 5.17 10.97
CA ASP A 563 -0.44 5.28 9.77
C ASP A 563 -1.62 6.19 10.07
N VAL A 564 -2.01 6.99 9.08
CA VAL A 564 -3.16 7.89 9.19
C VAL A 564 -3.97 7.68 7.92
N LYS A 565 -5.19 7.16 8.07
CA LYS A 565 -6.14 7.10 6.98
C LYS A 565 -7.53 7.39 7.54
N ASN A 566 -8.32 8.13 6.77
CA ASN A 566 -9.75 8.35 7.06
C ASN A 566 -9.96 9.16 8.35
N ASN A 567 -9.10 10.14 8.59
CA ASN A 567 -9.17 10.99 9.79
C ASN A 567 -9.00 10.17 11.08
N MET A 568 -8.24 9.09 11.02
CA MET A 568 -7.94 8.27 12.19
C MET A 568 -6.49 7.82 12.10
N ALA A 569 -5.70 8.20 13.10
CA ALA A 569 -4.29 7.84 13.15
C ALA A 569 -4.10 6.65 14.07
N VAL A 570 -3.11 5.82 13.76
CA VAL A 570 -2.71 4.72 14.62
C VAL A 570 -1.23 4.90 14.95
N PHE A 571 -0.89 4.66 16.21
CA PHE A 571 0.50 4.60 16.66
C PHE A 571 0.73 3.23 17.26
N THR A 572 1.73 2.52 16.76
CA THR A 572 2.13 1.26 17.34
C THR A 572 3.53 1.40 17.93
N MET A 573 3.83 0.63 18.96
CA MET A 573 5.16 0.68 19.57
C MET A 573 5.62 -0.72 19.92
N VAL A 574 6.84 -1.07 19.48
CA VAL A 574 7.46 -2.35 19.80
C VAL A 574 8.76 -2.09 20.54
N ALA A 575 8.91 -2.67 21.72
CA ALA A 575 10.13 -2.53 22.50
C ALA A 575 10.46 -3.87 23.15
N GLU A 576 11.65 -3.94 23.73
CA GLU A 576 12.27 -5.23 24.01
C GLU A 576 12.13 -5.98 22.69
N GLY A 577 11.93 -7.27 22.66
CA GLY A 577 11.92 -7.77 21.29
C GLY A 577 10.51 -8.08 20.88
N GLY A 578 9.59 -7.17 21.17
CA GLY A 578 8.19 -7.50 21.13
C GLY A 578 7.60 -7.90 22.47
N ARG A 579 8.40 -7.93 23.55
CA ARG A 579 7.82 -8.13 24.87
C ARG A 579 6.89 -6.97 25.25
N ILE A 580 7.03 -5.81 24.62
CA ILE A 580 6.21 -4.64 24.95
C ILE A 580 5.64 -4.12 23.63
N VAL A 581 4.34 -4.31 23.43
CA VAL A 581 3.66 -3.89 22.20
C VAL A 581 2.42 -3.10 22.59
N ARG A 582 2.26 -1.91 21.98
CA ARG A 582 1.16 -1.01 22.30
C ARG A 582 0.59 -0.39 21.02
N VAL A 583 -0.72 -0.14 21.04
CA VAL A 583 -1.45 0.39 19.89
C VAL A 583 -2.43 1.43 20.41
N GLN A 584 -2.26 2.69 20.01
CA GLN A 584 -3.19 3.77 20.34
C GLN A 584 -3.78 4.33 19.05
N ARG A 585 -5.11 4.34 18.97
CA ARG A 585 -5.79 5.06 17.91
C ARG A 585 -6.20 6.43 18.41
N SER A 586 -6.20 7.40 17.50
CA SER A 586 -6.61 8.76 17.85
C SER A 586 -7.09 9.46 16.59
N ARG A 587 -8.09 10.32 16.76
CA ARG A 587 -8.67 11.03 15.62
C ARG A 587 -7.71 12.10 15.09
N SER A 588 -7.88 12.43 13.83
CA SER A 588 -6.98 13.34 13.13
C SER A 588 -7.80 14.34 12.34
N ARG A 589 -7.36 15.61 12.35
CA ARG A 589 -8.13 16.66 11.70
C ARG A 589 -8.00 16.62 10.19
N GLN A 590 -7.01 15.91 9.65
CA GLN A 590 -6.87 15.70 8.23
C GLN A 590 -7.00 14.22 7.92
N ARG A 591 -7.33 13.93 6.67
CA ARG A 591 -7.67 12.56 6.30
C ARG A 591 -6.48 11.62 6.50
N GLU A 592 -5.30 12.01 6.00
CA GLU A 592 -4.15 11.11 5.91
C GLU A 592 -2.88 11.73 6.44
N GLN A 593 -2.99 12.70 7.35
CA GLN A 593 -1.83 13.43 7.81
C GLN A 593 -2.02 13.80 9.27
N LEU A 594 -0.92 14.09 9.96
CA LEU A 594 -0.94 14.38 11.38
C LEU A 594 -0.33 15.74 11.67
N LEU A 595 -0.95 16.47 12.60
CA LEU A 595 -0.39 17.70 13.12
C LEU A 595 0.87 17.42 13.94
N GLU A 596 1.78 18.38 13.97
CA GLU A 596 3.01 18.20 14.76
C GLU A 596 2.68 17.96 16.23
N SER A 597 1.83 18.81 16.80
CA SER A 597 1.52 18.68 18.22
C SER A 597 0.87 17.35 18.55
N GLN A 598 0.20 16.72 17.58
CA GLN A 598 -0.46 15.45 17.88
C GLN A 598 0.54 14.30 17.94
N VAL A 599 1.54 14.31 17.06
CA VAL A 599 2.60 13.31 17.09
C VAL A 599 3.35 13.37 18.43
N THR A 600 3.72 14.58 18.85
CA THR A 600 4.49 14.67 20.09
C THR A 600 3.62 14.35 21.32
N GLN A 601 2.33 14.65 21.27
CA GLN A 601 1.46 14.28 22.39
C GLN A 601 1.37 12.76 22.53
N VAL A 602 0.96 12.08 21.45
CA VAL A 602 0.66 10.66 21.56
C VAL A 602 1.91 9.88 21.91
N ILE A 603 3.06 10.30 21.38
CA ILE A 603 4.27 9.52 21.57
C ILE A 603 4.88 9.74 22.96
N THR A 604 4.90 10.98 23.48
CA THR A 604 5.39 11.11 24.85
C THR A 604 4.47 10.40 25.82
N GLU A 605 3.16 10.37 25.56
CA GLU A 605 2.25 9.63 26.42
C GLU A 605 2.54 8.13 26.36
N MET A 606 2.67 7.58 25.15
CA MET A 606 2.80 6.13 24.98
C MET A 606 4.09 5.61 25.60
N LEU A 607 5.19 6.31 25.34
CA LEU A 607 6.49 5.83 25.77
C LEU A 607 6.67 6.00 27.28
N SER A 608 6.16 7.09 27.84
CA SER A 608 6.35 7.33 29.26
C SER A 608 5.76 6.20 30.10
N LYS A 609 4.56 5.75 29.75
CA LYS A 609 3.97 4.63 30.49
C LYS A 609 4.90 3.41 30.50
N GLU A 610 5.58 3.14 29.37
CA GLU A 610 6.37 1.92 29.21
C GLU A 610 7.83 2.04 29.65
N LEU A 611 8.37 3.25 29.80
CA LEU A 611 9.80 3.37 30.09
C LEU A 611 10.25 2.65 31.36
N PRO A 612 9.48 2.58 32.46
CA PRO A 612 9.95 1.83 33.63
C PRO A 612 10.05 0.31 33.42
N GLU A 613 9.43 -0.24 32.38
CA GLU A 613 9.56 -1.66 32.04
C GLU A 613 10.61 -1.91 30.95
N ILE A 614 11.26 -0.86 30.46
CA ILE A 614 12.37 -0.99 29.53
C ILE A 614 13.64 -0.87 30.37
N LYS A 615 14.22 -1.99 30.73
CA LYS A 615 15.32 -1.97 31.69
C LYS A 615 16.67 -1.64 31.07
N LYS A 616 16.70 -1.27 29.80
CA LYS A 616 17.89 -0.71 29.17
C LYS A 616 17.61 0.76 28.92
N GLN A 617 18.51 1.63 29.37
CA GLN A 617 18.43 3.05 28.96
C GLN A 617 18.43 3.12 27.44
N VAL A 618 17.56 3.99 26.90
CA VAL A 618 17.19 3.96 25.50
C VAL A 618 18.03 4.97 24.73
N GLN A 619 18.68 4.52 23.64
CA GLN A 619 19.48 5.47 22.88
C GLN A 619 19.34 5.45 21.37
N ARG A 620 18.61 4.51 20.75
CA ARG A 620 18.23 4.57 19.34
C ARG A 620 16.73 4.36 19.19
N VAL A 621 16.03 5.35 18.62
CA VAL A 621 14.61 5.23 18.27
C VAL A 621 14.45 5.31 16.75
N VAL A 622 13.55 4.48 16.21
CA VAL A 622 13.22 4.44 14.79
C VAL A 622 11.71 4.62 14.68
N ILE A 623 11.28 5.48 13.75
CA ILE A 623 9.87 5.61 13.41
C ILE A 623 9.67 5.01 12.02
N HIS A 624 8.67 4.11 11.89
CA HIS A 624 8.23 3.51 10.62
C HIS A 624 6.91 4.16 10.19
N ARG A 625 6.95 4.99 9.16
CA ARG A 625 5.74 5.55 8.58
C ARG A 625 5.18 4.63 7.51
N ASP A 626 3.88 4.36 7.56
CA ASP A 626 3.24 3.72 6.42
C ASP A 626 3.15 4.73 5.29
N GLY A 627 3.99 4.54 4.26
CA GLY A 627 4.03 5.48 3.14
C GLY A 627 4.87 6.71 3.45
N ARG A 628 4.53 7.80 2.76
CA ARG A 628 5.31 9.03 2.84
C ARG A 628 5.17 9.68 4.21
N ALA A 629 6.28 10.24 4.70
CA ALA A 629 6.29 11.02 5.92
C ALA A 629 6.21 12.50 5.57
N TRP A 630 5.49 13.26 6.41
CA TRP A 630 5.28 14.70 6.22
C TRP A 630 6.11 15.52 7.21
N PRO A 631 6.63 16.67 6.80
CA PRO A 631 7.59 17.39 7.67
C PRO A 631 7.10 17.72 9.08
N ALA A 632 5.82 18.02 9.29
CA ALA A 632 5.35 18.29 10.66
C ALA A 632 5.36 17.03 11.50
N GLU A 633 5.20 15.88 10.86
CA GLU A 633 5.29 14.61 11.57
C GLU A 633 6.75 14.29 11.94
N ILE A 634 7.67 14.50 11.01
CA ILE A 634 9.10 14.37 11.33
C ILE A 634 9.47 15.32 12.47
N ALA A 635 9.03 16.57 12.39
CA ALA A 635 9.38 17.55 13.43
C ALA A 635 8.80 17.16 14.79
N GLY A 636 7.54 16.69 14.80
CA GLY A 636 6.94 16.34 16.06
C GLY A 636 7.66 15.19 16.75
N ALA A 637 8.31 14.33 15.96
CA ALA A 637 9.04 13.18 16.47
C ALA A 637 10.43 13.54 16.95
N ARG A 638 11.10 14.46 16.27
CA ARG A 638 12.40 14.91 16.75
C ARG A 638 12.26 15.71 18.03
N LYS A 639 11.13 16.41 18.20
CA LYS A 639 10.92 17.21 19.41
C LYS A 639 10.65 16.32 20.61
N THR A 640 9.76 15.35 20.45
CA THR A 640 9.45 14.39 21.50
C THR A 640 10.70 13.86 22.16
N PHE A 641 11.69 13.48 21.34
CA PHE A 641 12.83 12.75 21.90
C PHE A 641 13.96 13.67 22.33
N ALA A 642 14.12 14.83 21.69
CA ALA A 642 15.01 15.84 22.25
C ALA A 642 14.54 16.27 23.63
N ASP A 643 13.21 16.30 23.86
CA ASP A 643 12.68 16.63 25.17
C ASP A 643 13.04 15.56 26.19
N MET A 644 12.73 14.29 25.88
CA MET A 644 12.99 13.18 26.79
C MET A 644 14.47 13.03 27.10
N ALA A 645 15.36 13.43 26.18
CA ALA A 645 16.78 13.36 26.46
C ALA A 645 17.21 14.44 27.45
N GLU A 646 16.45 15.55 27.55
CA GLU A 646 16.75 16.60 28.51
C GLU A 646 16.20 16.30 29.90
N SER A 647 15.05 15.62 29.99
CA SER A 647 14.53 15.23 31.29
C SER A 647 15.43 14.18 31.95
N GLY A 648 16.08 13.35 31.16
CA GLY A 648 16.75 12.18 31.68
C GLY A 648 15.95 10.90 31.55
N LEU A 649 14.75 10.96 30.98
CA LEU A 649 13.99 9.76 30.73
C LEU A 649 14.71 8.82 29.78
N ILE A 650 15.63 9.33 28.98
CA ILE A 650 16.31 8.59 27.93
C ILE A 650 17.77 9.07 27.92
N ALA A 651 18.66 8.30 27.27
CA ALA A 651 20.06 8.70 27.21
C ALA A 651 20.18 10.12 26.67
N VAL A 652 21.10 10.90 27.27
CA VAL A 652 21.24 12.31 26.92
C VAL A 652 21.67 12.50 25.46
N ASP A 653 22.16 11.45 24.80
CA ASP A 653 22.54 11.53 23.39
C ASP A 653 21.78 10.53 22.51
N ALA A 654 20.61 10.06 22.95
CA ALA A 654 19.79 9.25 22.10
C ALA A 654 19.48 10.00 20.80
N ASP A 655 19.23 9.24 19.73
CA ASP A 655 18.90 9.82 18.43
C ASP A 655 17.70 9.11 17.83
N VAL A 656 17.01 9.82 16.93
CA VAL A 656 15.86 9.27 16.22
C VAL A 656 16.15 9.18 14.73
N SER A 657 15.55 8.20 14.08
CA SER A 657 15.60 8.11 12.63
C SER A 657 14.20 7.79 12.14
N VAL A 658 13.81 8.36 11.00
CA VAL A 658 12.49 8.16 10.41
C VAL A 658 12.63 7.51 9.04
N PHE A 659 11.96 6.36 8.86
CA PHE A 659 11.97 5.62 7.61
C PHE A 659 10.54 5.47 7.09
N GLU A 660 10.36 5.75 5.80
CA GLU A 660 9.09 5.55 5.13
C GLU A 660 9.02 4.11 4.61
N VAL A 661 7.98 3.37 4.99
CA VAL A 661 7.76 2.02 4.49
C VAL A 661 6.79 2.12 3.32
N LEU A 662 7.34 1.98 2.11
CA LEU A 662 6.60 2.24 0.87
C LEU A 662 6.12 0.92 0.29
N LYS A 663 5.04 0.39 0.88
CA LYS A 663 4.51 -0.89 0.43
C LYS A 663 3.96 -0.83 -1.00
N SER A 664 3.44 0.30 -1.45
CA SER A 664 3.20 0.48 -2.88
C SER A 664 4.27 1.47 -3.36
N SER A 665 5.38 0.92 -3.85
CA SER A 665 6.58 1.71 -4.10
C SER A 665 6.43 2.55 -5.37
N PRO A 666 6.91 3.80 -5.36
CA PRO A 666 6.96 4.57 -6.62
C PRO A 666 8.03 4.07 -7.59
N ALA A 667 8.91 3.19 -7.12
CA ALA A 667 9.99 2.62 -7.93
C ALA A 667 10.09 1.15 -7.57
N PRO A 668 9.09 0.34 -7.95
CA PRO A 668 9.06 -1.06 -7.50
C PRO A 668 10.12 -1.86 -8.25
N LEU A 669 10.99 -2.51 -7.50
CA LEU A 669 12.12 -3.24 -8.05
C LEU A 669 11.98 -4.71 -7.73
N ARG A 670 12.46 -5.57 -8.63
CA ARG A 670 12.41 -7.00 -8.33
C ARG A 670 13.82 -7.56 -8.13
N LEU A 671 13.89 -8.68 -7.41
CA LEU A 671 15.11 -9.47 -7.25
C LEU A 671 14.87 -10.90 -7.73
N PHE A 672 15.84 -11.46 -8.44
CA PHE A 672 15.78 -12.85 -8.90
C PHE A 672 17.05 -13.58 -8.52
N SER A 673 16.97 -14.90 -8.37
CA SER A 673 18.19 -15.70 -8.29
C SER A 673 18.09 -16.88 -9.25
N PHE A 674 19.10 -17.75 -9.24
CA PHE A 674 19.26 -18.70 -10.32
C PHE A 674 19.52 -20.12 -9.83
N GLU A 675 19.34 -21.03 -10.78
CA GLU A 675 19.10 -22.44 -10.55
C GLU A 675 19.54 -23.15 -11.82
N GLU A 676 19.80 -24.43 -11.71
CA GLU A 676 20.08 -25.21 -12.89
C GLU A 676 18.88 -25.18 -13.83
N PRO A 677 19.04 -24.76 -15.08
CA PRO A 677 17.91 -24.81 -16.02
C PRO A 677 17.37 -26.23 -16.15
N THR A 678 16.04 -26.33 -16.32
CA THR A 678 15.33 -27.57 -16.08
C THR A 678 14.04 -27.61 -16.89
N GLN A 679 14.16 -28.00 -18.17
CA GLN A 679 13.03 -28.27 -19.05
C GLN A 679 11.90 -27.25 -18.88
N GLU A 680 11.19 -27.36 -17.75
CA GLU A 680 10.11 -26.42 -17.44
C GLU A 680 10.60 -25.00 -17.23
N ASN A 681 11.88 -24.82 -16.96
CA ASN A 681 12.44 -23.53 -16.56
C ASN A 681 13.74 -23.32 -17.32
N PRO A 682 13.66 -23.04 -18.61
CA PRO A 682 14.87 -23.06 -19.45
C PRO A 682 15.93 -22.06 -19.04
N LYS A 683 15.57 -20.99 -18.35
CA LYS A 683 16.57 -20.03 -17.91
C LYS A 683 16.89 -20.17 -16.43
N GLY A 684 16.20 -21.07 -15.72
CA GLY A 684 16.52 -21.34 -14.33
C GLY A 684 16.31 -20.18 -13.38
N VAL A 685 15.31 -19.33 -13.64
CA VAL A 685 15.03 -18.17 -12.79
C VAL A 685 14.10 -18.58 -11.66
N ILE A 686 14.49 -18.27 -10.44
CA ILE A 686 13.74 -18.59 -9.23
C ILE A 686 13.67 -17.35 -8.35
N ASN A 687 12.80 -17.42 -7.33
CA ASN A 687 12.64 -16.33 -6.39
C ASN A 687 13.91 -16.12 -5.57
N PRO A 688 14.12 -14.93 -5.05
CA PRO A 688 15.23 -14.73 -4.10
C PRO A 688 14.94 -15.40 -2.75
N VAL A 689 16.00 -15.64 -2.00
CA VAL A 689 15.83 -16.26 -0.69
C VAL A 689 15.34 -15.21 0.29
N LEU A 690 14.53 -15.65 1.25
CA LEU A 690 13.96 -14.83 2.30
C LEU A 690 14.82 -13.67 2.84
N GLY A 691 16.09 -13.83 3.10
CA GLY A 691 16.68 -12.63 3.69
C GLY A 691 17.40 -11.66 2.75
N SER A 692 17.18 -11.77 1.44
CA SER A 692 17.94 -10.97 0.49
C SER A 692 17.60 -9.48 0.63
N TRP A 693 18.60 -8.65 0.35
CA TRP A 693 18.44 -7.21 0.53
C TRP A 693 19.43 -6.50 -0.38
N LEU A 694 19.17 -5.21 -0.59
CA LEU A 694 19.95 -4.36 -1.48
C LEU A 694 19.74 -2.91 -1.10
N LYS A 695 20.81 -2.15 -0.99
CA LYS A 695 20.68 -0.70 -0.88
C LYS A 695 21.14 -0.04 -2.18
N LEU A 696 20.37 0.94 -2.64
CA LEU A 696 20.73 1.71 -3.82
C LEU A 696 21.52 2.96 -3.48
N SER A 697 21.56 3.33 -2.22
CA SER A 697 21.67 4.72 -1.83
C SER A 697 21.71 4.74 -0.30
N GLU A 698 22.18 5.85 0.26
CA GLU A 698 22.03 6.05 1.70
C GLU A 698 20.58 6.19 2.10
N ASN A 699 19.70 6.53 1.16
CA ASN A 699 18.30 6.83 1.46
C ASN A 699 17.32 5.79 0.95
N ASP A 700 17.76 4.80 0.17
CA ASP A 700 16.80 3.86 -0.42
C ASP A 700 17.32 2.43 -0.35
N GLY A 701 16.51 1.52 0.22
CA GLY A 701 16.87 0.10 0.27
C GLY A 701 15.69 -0.80 -0.06
N TYR A 702 15.98 -2.10 -0.16
CA TYR A 702 14.97 -3.14 -0.38
C TYR A 702 15.33 -4.38 0.44
N ILE A 703 14.34 -4.95 1.19
CA ILE A 703 14.46 -6.23 1.88
C ILE A 703 13.40 -7.17 1.39
N CYS A 704 13.78 -8.40 1.16
CA CYS A 704 12.76 -9.41 0.90
C CYS A 704 12.25 -9.90 2.26
N THR A 705 11.17 -9.29 2.75
CA THR A 705 10.45 -9.94 3.84
C THR A 705 9.69 -11.19 3.36
N THR A 706 9.48 -11.35 2.04
CA THR A 706 8.97 -12.60 1.48
C THR A 706 10.02 -13.17 0.53
N GLY A 707 9.96 -14.48 0.32
CA GLY A 707 10.93 -15.10 -0.56
C GLY A 707 10.92 -16.61 -0.53
N ALA A 708 11.93 -17.16 -1.19
CA ALA A 708 12.03 -18.47 -1.83
C ALA A 708 11.41 -19.64 -1.06
N PRO A 709 11.90 -20.03 0.12
CA PRO A 709 11.35 -21.27 0.72
C PRO A 709 9.85 -21.15 0.99
N LEU A 710 9.36 -19.96 1.39
CA LEU A 710 8.02 -19.79 1.95
C LEU A 710 6.95 -19.27 1.00
N LEU A 711 7.27 -19.06 -0.28
CA LEU A 711 6.29 -18.60 -1.25
C LEU A 711 5.72 -19.75 -2.05
N LEU A 712 4.42 -19.71 -2.32
CA LEU A 712 3.74 -20.74 -3.11
C LEU A 712 3.76 -20.44 -4.62
N GLN A 713 3.27 -19.27 -5.04
CA GLN A 713 3.25 -18.91 -6.45
C GLN A 713 3.60 -17.42 -6.61
N GLY A 714 3.90 -17.03 -7.86
CA GLY A 714 4.24 -15.64 -8.11
C GLY A 714 5.67 -15.34 -7.72
N THR A 715 6.04 -14.07 -7.81
CA THR A 715 7.41 -13.72 -7.45
C THR A 715 7.42 -12.74 -6.29
N ALA A 716 8.42 -12.93 -5.42
CA ALA A 716 8.57 -12.12 -4.23
C ALA A 716 8.57 -10.65 -4.62
N ASP A 717 7.90 -9.85 -3.81
CA ASP A 717 7.78 -8.41 -4.01
C ASP A 717 8.62 -7.71 -2.92
N PRO A 718 9.85 -7.30 -3.22
CA PRO A 718 10.73 -6.75 -2.17
C PRO A 718 10.18 -5.45 -1.57
N LEU A 719 10.32 -5.30 -0.26
CA LEU A 719 9.78 -4.15 0.43
C LEU A 719 10.77 -2.99 0.35
N HIS A 720 10.30 -1.87 -0.22
CA HIS A 720 11.07 -0.63 -0.35
C HIS A 720 11.01 0.17 0.94
N VAL A 721 12.16 0.47 1.57
CA VAL A 721 12.14 1.44 2.67
C VAL A 721 13.11 2.58 2.36
N ARG A 722 12.68 3.79 2.70
CA ARG A 722 13.35 5.03 2.34
C ARG A 722 13.58 5.83 3.60
N LYS A 723 14.77 6.42 3.73
CA LYS A 723 15.10 7.19 4.92
C LYS A 723 14.59 8.62 4.79
N ALA A 724 13.66 9.01 5.66
CA ALA A 724 13.26 10.42 5.66
C ALA A 724 14.19 11.30 6.50
N PHE A 725 14.76 10.79 7.58
CA PHE A 725 15.65 11.57 8.46
C PHE A 725 16.40 10.64 9.38
N GLY A 726 17.61 11.02 9.75
CA GLY A 726 18.20 10.51 10.97
C GLY A 726 19.56 9.89 10.74
N PRO A 727 20.27 9.61 11.84
CA PRO A 727 21.64 9.06 11.72
C PRO A 727 21.72 7.60 11.29
N MET A 728 20.72 6.78 11.59
CA MET A 728 20.89 5.34 11.43
C MET A 728 21.08 4.93 9.96
N ALA A 729 21.98 3.97 9.73
CA ALA A 729 22.31 3.54 8.39
C ALA A 729 21.20 2.67 7.80
N ILE A 730 20.91 2.88 6.51
CA ILE A 730 19.79 2.18 5.88
C ILE A 730 19.95 0.66 6.01
N GLU A 731 21.19 0.16 5.93
CA GLU A 731 21.43 -1.27 6.13
C GLU A 731 20.96 -1.73 7.52
N ASP A 732 21.19 -0.94 8.57
CA ASP A 732 20.70 -1.33 9.90
C ASP A 732 19.18 -1.33 9.96
N ALA A 733 18.55 -0.34 9.30
CA ALA A 733 17.09 -0.26 9.27
C ALA A 733 16.49 -1.44 8.53
N LEU A 734 17.11 -1.86 7.41
CA LEU A 734 16.60 -3.01 6.68
C LEU A 734 16.72 -4.29 7.50
N LYS A 735 17.81 -4.45 8.25
CA LYS A 735 17.94 -5.66 9.05
C LYS A 735 16.82 -5.76 10.09
N ASP A 736 16.51 -4.71 10.83
CA ASP A 736 15.44 -5.04 11.78
C ASP A 736 14.03 -4.85 11.26
N VAL A 737 13.82 -4.21 10.10
CA VAL A 737 12.58 -4.47 9.37
C VAL A 737 12.44 -5.98 9.12
N PHE A 738 13.53 -6.63 8.69
CA PHE A 738 13.47 -8.08 8.45
C PHE A 738 13.15 -8.85 9.73
N ASP A 739 13.86 -8.55 10.83
CA ASP A 739 13.61 -9.25 12.08
C ASP A 739 12.18 -9.02 12.57
N LEU A 740 11.64 -7.80 12.39
CA LEU A 740 10.25 -7.55 12.78
C LEU A 740 9.25 -8.27 11.87
N SER A 741 9.61 -8.60 10.64
CA SER A 741 8.66 -9.35 9.82
C SER A 741 8.68 -10.83 10.11
N CYS A 742 9.67 -11.29 10.90
CA CYS A 742 9.68 -12.67 11.36
C CYS A 742 8.81 -12.88 12.59
N LEU A 743 8.26 -11.84 13.20
CA LEU A 743 7.28 -12.03 14.29
C LEU A 743 5.91 -12.27 13.64
N THR A 744 5.78 -13.46 13.05
CA THR A 744 4.64 -13.81 12.20
C THR A 744 3.44 -14.26 13.04
N TRP A 745 3.03 -13.41 13.98
CA TRP A 745 2.02 -13.80 14.95
C TRP A 745 0.66 -14.14 14.35
N PRO A 746 0.18 -13.50 13.28
CA PRO A 746 -1.16 -13.85 12.78
C PRO A 746 -1.23 -15.23 12.12
N LYS A 747 -0.10 -15.76 11.61
CA LYS A 747 0.06 -17.04 10.94
C LYS A 747 1.51 -17.49 11.14
N PRO A 748 1.84 -18.15 12.27
CA PRO A 748 3.25 -18.46 12.56
C PRO A 748 4.02 -19.12 11.42
N ASP A 749 3.47 -20.15 10.78
CA ASP A 749 4.18 -20.83 9.70
C ASP A 749 3.89 -20.13 8.37
N SER A 750 4.60 -19.05 8.11
CA SER A 750 4.37 -18.26 6.90
C SER A 750 5.43 -17.18 6.83
N CYS A 751 5.52 -16.54 5.67
CA CYS A 751 6.24 -15.28 5.62
C CYS A 751 5.21 -14.16 5.60
N MET A 752 5.68 -12.94 5.90
CA MET A 752 4.80 -11.80 6.14
C MET A 752 5.51 -10.55 5.64
N ARG A 753 4.91 -9.82 4.69
CA ARG A 753 5.69 -8.80 4.01
C ARG A 753 5.93 -7.56 4.87
N LEU A 754 5.00 -7.20 5.73
CA LEU A 754 5.20 -5.97 6.49
C LEU A 754 5.85 -6.26 7.83
N PRO A 755 6.74 -5.39 8.33
CA PRO A 755 7.22 -5.53 9.71
C PRO A 755 6.07 -5.43 10.71
N LEU A 756 6.22 -6.11 11.85
CA LEU A 756 5.18 -6.09 12.88
C LEU A 756 4.70 -4.68 13.24
N THR A 757 5.60 -3.67 13.16
CA THR A 757 5.26 -2.30 13.53
C THR A 757 4.14 -1.73 12.65
N ILE A 758 4.24 -1.85 11.33
CA ILE A 758 3.15 -1.30 10.53
C ILE A 758 2.10 -2.37 10.22
N LYS A 759 2.42 -3.65 10.48
CA LYS A 759 1.40 -4.69 10.44
C LYS A 759 0.30 -4.42 11.47
N LEU A 760 0.69 -4.08 12.70
CA LEU A 760 -0.26 -3.65 13.72
C LEU A 760 -1.07 -2.44 13.27
N CYS A 761 -0.51 -1.58 12.42
CA CYS A 761 -1.25 -0.42 11.93
C CYS A 761 -2.37 -0.82 10.99
N ASP A 762 -2.13 -1.80 10.11
CA ASP A 762 -3.15 -2.23 9.15
C ASP A 762 -4.29 -2.96 9.85
N ILE A 763 -3.97 -3.76 10.87
CA ILE A 763 -4.99 -4.47 11.64
C ILE A 763 -5.93 -3.48 12.33
N ALA A 764 -5.35 -2.47 13.00
CA ALA A 764 -6.10 -1.62 13.92
C ALA A 764 -6.95 -0.60 13.18
N LEU A 765 -6.45 -0.09 12.06
CA LEU A 765 -7.23 0.81 11.24
C LEU A 765 -8.34 0.05 10.54
N PHE A 766 -7.96 -0.86 9.63
CA PHE A 766 -8.87 -1.40 8.64
C PHE A 766 -9.68 -0.26 8.03
N ASP A 767 -9.01 0.87 7.80
CA ASP A 767 -9.58 2.11 7.25
C ASP A 767 -10.78 2.58 8.07
N ASP A 768 -10.46 3.13 9.25
CA ASP A 768 -11.47 3.52 10.23
C ASP A 768 -12.41 4.60 9.71
N ALA A 769 -13.57 4.19 9.16
CA ALA A 769 -14.50 5.06 8.44
C ALA A 769 -15.55 5.69 9.35
N ALA A 770 -15.22 5.89 10.63
CA ALA A 770 -15.97 6.76 11.53
C ALA A 770 -14.96 7.48 12.42
N GLU A 771 -15.44 8.52 13.12
CA GLU A 771 -14.59 9.37 13.98
C GLU A 771 -13.26 9.76 13.33
MG MG C . 3.04 -4.00 -7.18
#